data_4AEC
#
_entry.id   4AEC
#
_cell.length_a   65.390
_cell.length_b   65.390
_cell.length_c   293.050
_cell.angle_alpha   90.00
_cell.angle_beta   90.00
_cell.angle_gamma   90.00
#
_symmetry.space_group_name_H-M   'P 41 21 2'
#
loop_
_entity.id
_entity.type
_entity.pdbx_description
1 polymer 'CYSTEINE SYNTHASE, MITOCHONDRIAL'
2 non-polymer "PYRIDOXAL-5'-PHOSPHATE"
3 non-polymer 'ACETATE ION'
4 non-polymer GLYCEROL
5 water water
#
_entity_poly.entity_id   1
_entity_poly.type   'polypeptide(L)'
_entity_poly.pdbx_seq_one_letter_code
;MVAMIMASRFNREAKLASQILSTLLGNRSCYTSMAATSSSALLLNPLTSSSSSSTLRRFRCSPEISSLSFSSASDFSLAM
KRQSRSFADGSERDPSVVCEAVKRETGPDGLNIADNVSQLIGKTPMVYLNSIAKGCVANIAAKLEIMEPCCSVKDRIGYS
MVTDAEQKGFISPGKSVLVEPTSGNTGIGLAFIAASRGYRLILTMPASMSMERRVLLKAFGAELVLTDPAKGMTGAVQKA
EEILKNTPDAYMLQQFDNPANPKIHYETTGPEIWDDTKGKVDIFVAGIGTGGTITGVGRFIKEKNPKTQVIGVEPTESDI
LSGGKPGPHKIQGIGAGFIPKNLDQKIMDEVIAISSEEAIETAKQLALKEGLMVGISSGAAAAAAIKVAKRPENAGKLIA
VVFPSFGERYLSTPLFQSIREEVEKMQPEV
;
_entity_poly.pdbx_strand_id   A,B
#
# COMPACT_ATOMS: atom_id res chain seq x y z
CA ALA A 101 5.96 14.79 25.19
C ALA A 101 6.96 15.86 24.76
N VAL A 102 7.56 15.67 23.59
CA VAL A 102 8.53 16.59 23.00
C VAL A 102 7.92 17.57 21.98
N LYS A 103 8.29 18.83 22.11
CA LYS A 103 7.71 19.89 21.27
C LYS A 103 8.01 19.69 19.78
N ARG A 104 7.07 20.06 18.91
CA ARG A 104 7.31 19.93 17.48
C ARG A 104 6.88 21.20 16.74
N GLU A 105 7.71 21.67 15.82
CA GLU A 105 7.27 22.71 14.90
C GLU A 105 6.01 22.28 14.17
N THR A 106 4.88 22.61 14.76
CA THR A 106 3.58 22.16 14.27
C THR A 106 2.79 23.30 13.59
N GLY A 107 1.63 22.94 13.03
CA GLY A 107 0.75 23.95 12.42
C GLY A 107 1.15 24.43 11.03
N PRO A 108 0.62 25.60 10.63
CA PRO A 108 0.85 26.03 9.23
C PRO A 108 2.33 26.25 8.85
N ASP A 109 3.20 26.52 9.82
CA ASP A 109 4.59 26.91 9.51
C ASP A 109 5.63 25.80 9.61
N GLY A 110 5.26 24.77 10.37
CA GLY A 110 6.17 23.69 10.71
C GLY A 110 6.37 22.68 9.62
N LEU A 111 6.66 21.44 10.01
CA LEU A 111 7.32 20.46 9.10
C LEU A 111 6.33 19.72 8.27
N ASN A 112 6.75 19.10 7.16
CA ASN A 112 5.82 18.41 6.30
C ASN A 112 5.80 16.93 6.66
N ILE A 113 5.28 16.68 7.86
CA ILE A 113 5.26 15.37 8.48
C ILE A 113 3.87 15.19 9.08
N ALA A 114 3.15 14.14 8.70
CA ALA A 114 1.87 13.85 9.28
C ALA A 114 1.96 13.72 10.82
N ASP A 115 0.97 14.22 11.55
CA ASP A 115 1.01 14.07 13.02
C ASP A 115 0.73 12.64 13.45
N ASN A 116 -0.03 11.93 12.64
CA ASN A 116 -0.41 10.54 12.93
C ASN A 116 -0.88 9.96 11.63
N VAL A 117 -1.30 8.69 11.65
CA VAL A 117 -1.60 7.95 10.43
C VAL A 117 -2.87 8.48 9.70
N SER A 118 -3.83 8.99 10.48
CA SER A 118 -4.99 9.62 9.88
C SER A 118 -4.58 10.68 8.91
N GLN A 119 -3.55 11.45 9.20
CA GLN A 119 -3.23 12.51 8.28
C GLN A 119 -2.54 11.99 7.04
N LEU A 120 -2.35 10.68 6.90
CA LEU A 120 -1.81 10.17 5.65
C LEU A 120 -2.95 9.81 4.68
N ILE A 121 -4.18 9.86 5.14
CA ILE A 121 -5.31 9.44 4.36
C ILE A 121 -5.65 10.44 3.24
N GLY A 122 -5.99 9.92 2.06
CA GLY A 122 -6.47 10.76 0.97
C GLY A 122 -5.33 11.41 0.19
N LYS A 123 -5.69 12.38 -0.64
CA LYS A 123 -4.69 13.02 -1.52
C LYS A 123 -3.97 12.04 -2.45
N THR A 124 -4.70 11.06 -2.92
CA THR A 124 -4.14 10.02 -3.70
C THR A 124 -3.96 10.48 -5.13
N PRO A 125 -2.94 9.94 -5.80
CA PRO A 125 -2.67 10.38 -7.15
C PRO A 125 -3.61 9.71 -8.20
N MET A 126 -3.61 10.32 -9.40
CA MET A 126 -4.28 9.80 -10.58
C MET A 126 -3.24 9.38 -11.62
N VAL A 127 -3.51 8.35 -12.40
CA VAL A 127 -2.57 8.05 -13.47
C VAL A 127 -3.31 7.84 -14.83
N TYR A 128 -2.88 8.48 -15.93
CA TYR A 128 -3.50 8.16 -17.25
C TYR A 128 -3.41 6.66 -17.62
N LEU A 129 -4.37 6.15 -18.37
CA LEU A 129 -4.23 4.80 -18.88
C LEU A 129 -3.63 4.84 -20.28
N ASN A 130 -2.71 3.94 -20.55
CA ASN A 130 -1.94 4.05 -21.75
C ASN A 130 -2.25 2.87 -22.62
N SER A 131 -1.35 1.91 -22.73
CA SER A 131 -1.62 0.85 -23.68
C SER A 131 -2.94 0.07 -23.39
N ILE A 132 -3.41 0.00 -22.15
CA ILE A 132 -4.70 -0.68 -21.93
C ILE A 132 -5.90 0.08 -22.60
N ALA A 133 -5.67 1.33 -22.96
CA ALA A 133 -6.71 2.21 -23.52
C ALA A 133 -6.51 2.37 -25.03
N LYS A 134 -5.58 1.61 -25.59
CA LYS A 134 -5.39 1.62 -27.04
C LYS A 134 -6.77 1.40 -27.69
N GLY A 135 -7.14 2.28 -28.61
CA GLY A 135 -8.46 2.17 -29.25
C GLY A 135 -9.57 3.06 -28.69
N CYS A 136 -9.35 3.69 -27.53
CA CYS A 136 -10.32 4.58 -26.94
C CYS A 136 -10.27 5.94 -27.57
N VAL A 137 -11.41 6.65 -27.58
CA VAL A 137 -11.45 7.97 -28.17
C VAL A 137 -11.31 9.04 -27.10
N ALA A 138 -11.49 8.63 -25.84
CA ALA A 138 -11.29 9.54 -24.72
C ALA A 138 -10.11 9.14 -23.83
N ASN A 139 -9.45 10.14 -23.28
CA ASN A 139 -8.50 9.96 -22.19
C ASN A 139 -9.08 9.46 -20.85
N ILE A 140 -8.36 8.51 -20.24
CA ILE A 140 -8.73 7.94 -18.94
C ILE A 140 -7.65 8.12 -17.86
N ALA A 141 -8.06 8.74 -16.77
CA ALA A 141 -7.18 8.97 -15.66
C ALA A 141 -7.79 8.27 -14.45
N ALA A 142 -7.02 7.35 -13.86
CA ALA A 142 -7.55 6.53 -12.76
C ALA A 142 -7.24 7.14 -11.40
N LYS A 143 -8.21 7.15 -10.50
CA LYS A 143 -7.95 7.69 -9.14
C LYS A 143 -7.48 6.51 -8.28
N LEU A 144 -6.24 6.57 -7.78
CA LEU A 144 -5.64 5.36 -7.22
C LEU A 144 -5.81 5.21 -5.72
N GLU A 145 -6.96 4.71 -5.26
CA GLU A 145 -7.20 4.55 -3.83
C GLU A 145 -6.40 3.35 -3.33
N ILE A 146 -5.89 2.60 -4.30
CA ILE A 146 -4.99 1.51 -3.99
C ILE A 146 -3.80 2.05 -3.25
N MET A 147 -3.50 3.34 -3.40
CA MET A 147 -2.38 3.94 -2.64
C MET A 147 -2.72 4.66 -1.32
N GLU A 148 -3.92 4.38 -0.77
CA GLU A 148 -4.23 4.81 0.60
C GLU A 148 -3.28 4.07 1.61
N PRO A 149 -3.10 4.62 2.83
CA PRO A 149 -2.20 4.01 3.82
C PRO A 149 -2.45 2.52 3.99
N CYS A 150 -3.69 2.11 4.00
CA CYS A 150 -3.91 0.65 4.01
C CYS A 150 -4.52 0.12 2.73
N CYS A 151 -4.25 0.72 1.58
CA CYS A 151 -4.56 0.10 0.28
C CYS A 151 -6.03 0.02 -0.21
N SER A 152 -6.94 0.74 0.40
CA SER A 152 -8.29 0.83 -0.14
C SER A 152 -8.96 2.19 0.13
N VAL A 153 -9.93 2.50 -0.74
CA VAL A 153 -10.78 3.68 -0.60
C VAL A 153 -11.39 3.75 0.82
N LYS A 154 -11.58 2.61 1.50
CA LYS A 154 -12.25 2.58 2.79
C LYS A 154 -11.46 3.25 3.92
N ASP A 155 -10.14 3.41 3.75
CA ASP A 155 -9.39 4.17 4.74
C ASP A 155 -10.01 5.58 4.93
N ARG A 156 -10.65 6.12 3.90
CA ARG A 156 -11.27 7.44 4.02
C ARG A 156 -12.49 7.39 4.95
N ILE A 157 -13.19 6.27 5.05
CA ILE A 157 -14.46 6.31 5.78
C ILE A 157 -14.32 5.68 7.15
N GLY A 158 -13.26 4.92 7.36
CA GLY A 158 -12.92 4.52 8.71
C GLY A 158 -12.69 5.81 9.47
N TYR A 159 -11.87 6.67 8.86
CA TYR A 159 -11.50 7.94 9.44
C TYR A 159 -12.69 8.89 9.68
N SER A 160 -13.53 9.13 8.66
CA SER A 160 -14.56 10.13 8.70
C SER A 160 -15.76 9.74 9.58
N MET A 161 -16.08 8.45 9.63
CA MET A 161 -17.15 7.95 10.47
C MET A 161 -16.74 7.98 11.93
N VAL A 162 -15.50 7.62 12.20
CA VAL A 162 -15.00 7.76 13.55
C VAL A 162 -14.86 9.26 14.00
N THR A 163 -14.18 10.07 13.18
CA THR A 163 -14.02 11.47 13.39
C THR A 163 -15.39 12.17 13.47
N ASP A 164 -16.33 11.83 12.60
CA ASP A 164 -17.65 12.42 12.68
C ASP A 164 -18.29 12.16 14.06
N ALA A 165 -18.12 10.95 14.60
CA ALA A 165 -18.70 10.59 15.87
C ALA A 165 -17.99 11.26 17.10
N GLU A 166 -16.68 11.50 17.00
CA GLU A 166 -15.98 12.22 18.05
C GLU A 166 -16.43 13.65 18.09
N GLN A 167 -16.51 14.27 16.91
CA GLN A 167 -16.88 15.66 16.71
CA GLN A 167 -16.80 15.67 16.86
C GLN A 167 -18.27 15.98 17.30
N LYS A 168 -19.10 14.95 17.41
CA LYS A 168 -20.45 15.15 17.86
C LYS A 168 -20.54 14.57 19.23
N GLY A 169 -19.39 14.12 19.72
CA GLY A 169 -19.32 13.66 21.09
C GLY A 169 -20.13 12.42 21.38
N PHE A 170 -20.31 11.58 20.39
CA PHE A 170 -21.00 10.30 20.62
C PHE A 170 -20.05 9.23 21.11
N ILE A 171 -18.74 9.40 20.89
CA ILE A 171 -17.77 8.40 21.28
C ILE A 171 -16.54 9.07 21.80
N SER A 172 -15.77 8.35 22.60
CA SER A 172 -14.49 8.88 23.03
C SER A 172 -13.54 7.70 23.32
N PRO A 173 -12.22 7.88 23.09
CA PRO A 173 -11.21 6.78 23.19
C PRO A 173 -11.09 6.23 24.62
N GLY A 174 -10.87 4.91 24.72
CA GLY A 174 -10.72 4.23 25.99
C GLY A 174 -12.03 4.08 26.72
N LYS A 175 -13.15 4.20 26.02
CA LYS A 175 -14.48 4.11 26.63
C LYS A 175 -15.45 3.59 25.57
N SER A 176 -15.57 4.26 24.43
CA SER A 176 -16.51 3.67 23.47
C SER A 176 -15.98 2.39 22.83
N VAL A 177 -16.88 1.54 22.40
CA VAL A 177 -16.51 0.31 21.72
C VAL A 177 -17.12 0.43 20.35
N LEU A 178 -16.29 0.44 19.32
CA LEU A 178 -16.79 0.56 17.97
C LEU A 178 -17.19 -0.83 17.52
N VAL A 179 -18.25 -0.96 16.72
CA VAL A 179 -18.80 -2.26 16.35
C VAL A 179 -19.27 -2.11 14.91
N GLU A 180 -18.83 -2.98 13.98
CA GLU A 180 -19.31 -2.90 12.59
C GLU A 180 -19.37 -4.29 11.98
N PRO A 181 -20.47 -4.59 11.31
CA PRO A 181 -20.43 -5.87 10.59
C PRO A 181 -19.74 -5.65 9.26
N THR A 182 -18.58 -6.24 9.06
CA THR A 182 -17.99 -5.97 7.78
C THR A 182 -17.10 -7.05 7.28
N SER A 183 -17.41 -7.58 6.09
CA SER A 183 -16.63 -8.62 5.45
C SER A 183 -15.49 -8.14 4.55
N GLY A 184 -15.49 -6.85 4.22
CA GLY A 184 -14.50 -6.28 3.28
C GLY A 184 -13.57 -5.24 3.89
N ASN A 185 -13.21 -4.23 3.10
CA ASN A 185 -12.13 -3.30 3.43
C ASN A 185 -12.44 -2.36 4.57
N THR A 186 -13.72 -2.20 4.86
CA THR A 186 -14.17 -1.26 5.87
C THR A 186 -13.64 -1.70 7.24
N GLY A 187 -13.50 -2.99 7.46
CA GLY A 187 -12.98 -3.39 8.75
C GLY A 187 -11.52 -3.04 8.92
N ILE A 188 -10.80 -3.09 7.82
CA ILE A 188 -9.39 -2.75 7.83
C ILE A 188 -9.23 -1.27 8.13
N GLY A 189 -9.99 -0.42 7.44
CA GLY A 189 -9.89 1.00 7.60
C GLY A 189 -10.33 1.41 9.00
N LEU A 190 -11.30 0.74 9.58
CA LEU A 190 -11.68 1.02 10.94
C LEU A 190 -10.60 0.47 11.87
N ALA A 191 -10.00 -0.67 11.51
CA ALA A 191 -9.05 -1.29 12.42
C ALA A 191 -7.79 -0.43 12.65
N PHE A 192 -7.20 0.12 11.58
CA PHE A 192 -6.01 0.93 11.79
C PHE A 192 -6.32 2.28 12.48
N ILE A 193 -7.55 2.76 12.35
CA ILE A 193 -7.92 4.05 12.95
C ILE A 193 -8.17 3.83 14.41
N ALA A 194 -8.78 2.68 14.71
CA ALA A 194 -9.15 2.31 16.08
C ALA A 194 -7.88 2.09 16.88
N ALA A 195 -6.92 1.38 16.30
CA ALA A 195 -5.60 1.17 16.88
C ALA A 195 -4.91 2.53 17.17
N SER A 196 -4.83 3.41 16.15
CA SER A 196 -4.08 4.62 16.31
C SER A 196 -4.78 5.60 17.26
N ARG A 197 -6.11 5.52 17.42
CA ARG A 197 -6.70 6.52 18.30
C ARG A 197 -7.14 5.94 19.58
N GLY A 198 -6.93 4.64 19.80
CA GLY A 198 -7.27 4.03 21.08
C GLY A 198 -8.73 3.64 21.31
N TYR A 199 -9.42 3.16 20.28
CA TYR A 199 -10.71 2.54 20.45
C TYR A 199 -10.62 1.04 20.42
N ARG A 200 -11.37 0.42 21.32
CA ARG A 200 -11.70 -0.98 21.19
C ARG A 200 -12.65 -1.16 19.99
N LEU A 201 -12.43 -2.21 19.22
CA LEU A 201 -13.18 -2.38 17.99
C LEU A 201 -13.55 -3.82 17.84
N ILE A 202 -14.83 -4.11 17.68
CA ILE A 202 -15.30 -5.48 17.49
C ILE A 202 -15.87 -5.56 16.08
N LEU A 203 -15.41 -6.51 15.29
CA LEU A 203 -15.95 -6.64 13.93
C LEU A 203 -16.66 -7.98 13.80
N THR A 204 -17.86 -7.95 13.23
CA THR A 204 -18.54 -9.21 12.94
C THR A 204 -18.56 -9.56 11.49
N MET A 205 -18.41 -10.85 11.23
CA MET A 205 -18.33 -11.35 9.88
C MET A 205 -18.64 -12.83 9.85
N PRO A 206 -19.20 -13.31 8.73
CA PRO A 206 -19.44 -14.73 8.62
C PRO A 206 -18.14 -15.49 8.71
N ALA A 207 -18.18 -16.67 9.34
CA ALA A 207 -17.01 -17.56 9.42
C ALA A 207 -16.55 -18.13 8.08
N SER A 208 -17.24 -17.80 6.99
CA SER A 208 -16.66 -18.05 5.64
C SER A 208 -15.26 -17.38 5.52
N MET A 209 -15.20 -16.11 5.95
CA MET A 209 -14.01 -15.26 5.83
CA MET A 209 -14.00 -15.25 5.83
C MET A 209 -12.64 -15.95 5.84
N SER A 210 -11.85 -15.66 4.81
CA SER A 210 -10.48 -16.18 4.72
C SER A 210 -9.75 -15.88 6.02
N MET A 211 -8.79 -16.74 6.31
CA MET A 211 -7.96 -16.61 7.48
C MET A 211 -6.93 -15.44 7.44
N GLU A 212 -6.38 -15.12 6.25
CA GLU A 212 -5.46 -14.00 6.09
C GLU A 212 -6.16 -12.70 6.43
N ARG A 213 -7.41 -12.56 5.97
CA ARG A 213 -8.12 -11.35 6.31
C ARG A 213 -8.30 -11.24 7.83
N ARG A 214 -8.41 -12.35 8.52
CA ARG A 214 -8.64 -12.24 9.92
C ARG A 214 -7.37 -11.88 10.64
N VAL A 215 -6.29 -12.54 10.23
CA VAL A 215 -4.94 -12.29 10.71
C VAL A 215 -4.61 -10.77 10.68
N LEU A 216 -4.95 -10.12 9.59
CA LEU A 216 -4.58 -8.75 9.36
C LEU A 216 -5.34 -7.88 10.34
N LEU A 217 -6.64 -8.17 10.40
CA LEU A 217 -7.51 -7.41 11.23
C LEU A 217 -7.06 -7.50 12.66
N LYS A 218 -6.71 -8.70 13.05
CA LYS A 218 -6.27 -8.92 14.42
C LYS A 218 -4.87 -8.36 14.77
N ALA A 219 -3.99 -8.21 13.78
CA ALA A 219 -2.72 -7.54 13.97
C ALA A 219 -2.99 -6.06 14.37
N PHE A 220 -4.08 -5.48 13.89
CA PHE A 220 -4.38 -4.15 14.31
C PHE A 220 -5.08 -4.16 15.67
N GLY A 221 -5.29 -5.35 16.26
CA GLY A 221 -5.92 -5.43 17.57
C GLY A 221 -7.46 -5.46 17.55
N ALA A 222 -8.06 -5.49 16.37
CA ALA A 222 -9.52 -5.63 16.29
C ALA A 222 -9.95 -6.95 16.93
N GLU A 223 -11.10 -6.96 17.62
CA GLU A 223 -11.74 -8.21 18.07
C GLU A 223 -12.72 -8.75 17.04
N LEU A 224 -12.69 -10.05 16.81
CA LEU A 224 -13.45 -10.67 15.75
C LEU A 224 -14.54 -11.56 16.30
N VAL A 225 -15.76 -11.43 15.79
CA VAL A 225 -16.80 -12.38 16.14
C VAL A 225 -17.36 -13.05 14.87
N LEU A 226 -17.26 -14.36 14.80
CA LEU A 226 -17.64 -15.03 13.56
C LEU A 226 -19.10 -15.45 13.56
N THR A 227 -19.80 -15.15 12.47
CA THR A 227 -21.16 -15.58 12.41
C THR A 227 -21.42 -16.71 11.45
N ASP A 228 -22.69 -17.07 11.39
CA ASP A 228 -23.16 -18.24 10.69
C ASP A 228 -23.02 -18.06 9.20
N PRO A 229 -22.12 -18.84 8.60
CA PRO A 229 -21.94 -18.68 7.17
C PRO A 229 -23.26 -18.70 6.37
N ALA A 230 -24.24 -19.52 6.75
CA ALA A 230 -25.50 -19.60 5.96
C ALA A 230 -26.27 -18.28 5.95
N LYS A 231 -26.14 -17.52 7.02
CA LYS A 231 -26.83 -16.25 7.12
C LYS A 231 -26.12 -15.05 6.43
N GLY A 232 -24.93 -15.24 5.88
CA GLY A 232 -24.26 -14.15 5.15
C GLY A 232 -24.16 -12.81 5.90
N MET A 233 -24.13 -11.70 5.16
CA MET A 233 -24.09 -10.36 5.75
C MET A 233 -25.25 -10.14 6.71
N THR A 234 -26.47 -10.41 6.25
CA THR A 234 -27.59 -10.21 7.16
C THR A 234 -27.35 -10.82 8.57
N GLY A 235 -26.75 -12.00 8.66
CA GLY A 235 -26.45 -12.61 9.95
C GLY A 235 -25.39 -11.86 10.73
N ALA A 236 -24.47 -11.20 10.04
CA ALA A 236 -23.41 -10.48 10.71
C ALA A 236 -23.95 -9.17 11.29
N VAL A 237 -24.75 -8.47 10.47
CA VAL A 237 -25.52 -7.28 10.83
C VAL A 237 -26.39 -7.59 12.05
N GLN A 238 -27.09 -8.72 12.03
CA GLN A 238 -27.85 -9.10 13.22
C GLN A 238 -26.98 -9.22 14.47
N LYS A 239 -25.86 -9.94 14.37
CA LYS A 239 -24.98 -10.03 15.55
C LYS A 239 -24.34 -8.66 15.92
N ALA A 240 -24.26 -7.72 14.99
CA ALA A 240 -23.61 -6.49 15.40
C ALA A 240 -24.63 -5.67 16.19
N GLU A 241 -25.91 -5.92 15.90
CA GLU A 241 -27.02 -5.21 16.52
C GLU A 241 -27.22 -5.72 17.92
N GLU A 242 -27.05 -7.01 18.08
CA GLU A 242 -27.02 -7.61 19.40
C GLU A 242 -25.86 -7.14 20.30
N ILE A 243 -24.64 -7.05 19.77
CA ILE A 243 -23.52 -6.60 20.57
C ILE A 243 -23.72 -5.14 20.97
N LEU A 244 -24.14 -4.34 19.99
CA LEU A 244 -24.47 -2.94 20.25
C LEU A 244 -25.44 -2.87 21.43
N LYS A 245 -26.56 -3.58 21.32
CA LYS A 245 -27.55 -3.68 22.40
C LYS A 245 -27.00 -4.17 23.73
N ASN A 246 -25.91 -4.92 23.75
CA ASN A 246 -25.54 -5.56 25.01
C ASN A 246 -24.23 -5.06 25.60
N THR A 247 -23.61 -4.10 24.92
CA THR A 247 -22.31 -3.61 25.31
C THR A 247 -22.44 -2.15 25.77
N PRO A 248 -22.05 -1.90 27.03
CA PRO A 248 -22.37 -0.63 27.70
C PRO A 248 -22.00 0.65 26.94
N ASP A 249 -20.89 0.74 26.22
CA ASP A 249 -20.72 1.98 25.48
C ASP A 249 -20.41 1.73 24.02
N ALA A 250 -21.04 0.69 23.49
CA ALA A 250 -20.94 0.33 22.09
C ALA A 250 -21.47 1.43 21.19
N TYR A 251 -20.88 1.55 20.00
CA TYR A 251 -21.36 2.46 18.98
C TYR A 251 -21.10 1.85 17.59
N MET A 252 -22.15 1.76 16.76
CA MET A 252 -22.04 1.13 15.43
C MET A 252 -21.91 2.17 14.31
N LEU A 253 -21.06 1.93 13.32
CA LEU A 253 -20.80 3.01 12.37
C LEU A 253 -21.85 3.04 11.24
N GLN A 254 -22.19 1.86 10.78
CA GLN A 254 -23.25 1.74 9.78
C GLN A 254 -22.85 2.36 8.47
N GLN A 255 -21.83 1.75 7.88
CA GLN A 255 -21.24 2.27 6.68
C GLN A 255 -22.22 2.43 5.55
N PHE A 256 -23.33 1.67 5.55
CA PHE A 256 -24.33 1.80 4.48
C PHE A 256 -25.28 3.02 4.65
N ASP A 257 -25.36 3.52 5.90
CA ASP A 257 -26.32 4.56 6.26
C ASP A 257 -25.69 5.88 6.72
N ASN A 258 -24.42 5.82 7.13
CA ASN A 258 -23.85 6.92 7.82
C ASN A 258 -23.50 7.97 6.82
N PRO A 259 -24.09 9.16 6.94
CA PRO A 259 -23.80 10.15 5.89
C PRO A 259 -22.37 10.67 5.93
N ALA A 260 -21.59 10.36 6.96
CA ALA A 260 -20.18 10.74 6.93
C ALA A 260 -19.40 9.96 5.85
N ASN A 261 -19.91 8.83 5.41
CA ASN A 261 -19.24 8.08 4.38
C ASN A 261 -19.26 8.91 3.06
N PRO A 262 -20.44 9.20 2.49
CA PRO A 262 -20.36 10.05 1.29
C PRO A 262 -19.77 11.43 1.55
N LYS A 263 -19.97 11.95 2.74
CA LYS A 263 -19.49 13.31 2.99
C LYS A 263 -17.93 13.40 2.88
N ILE A 264 -17.22 12.36 3.25
CA ILE A 264 -15.76 12.46 3.15
C ILE A 264 -15.32 12.51 1.68
N HIS A 265 -16.07 11.84 0.81
CA HIS A 265 -15.93 11.95 -0.66
C HIS A 265 -16.28 13.32 -1.28
N TYR A 266 -17.33 13.95 -0.76
CA TYR A 266 -17.68 15.31 -1.15
C TYR A 266 -16.56 16.28 -0.75
N GLU A 267 -15.91 16.02 0.38
CA GLU A 267 -14.96 16.95 0.96
C GLU A 267 -13.51 16.71 0.50
N THR A 268 -13.16 15.46 0.16
CA THR A 268 -11.83 15.14 -0.25
C THR A 268 -11.68 14.51 -1.61
N THR A 269 -12.24 13.32 -1.81
CA THR A 269 -12.06 12.62 -3.08
C THR A 269 -12.53 13.46 -4.27
N GLY A 270 -13.73 14.02 -4.17
CA GLY A 270 -14.25 14.87 -5.23
C GLY A 270 -13.40 16.08 -5.49
N PRO A 271 -13.16 16.92 -4.47
CA PRO A 271 -12.25 18.03 -4.69
C PRO A 271 -10.88 17.67 -5.29
N GLU A 272 -10.30 16.53 -4.91
CA GLU A 272 -8.94 16.19 -5.37
C GLU A 272 -8.92 16.03 -6.92
N ILE A 273 -9.83 15.23 -7.39
CA ILE A 273 -10.03 15.00 -8.78
C ILE A 273 -10.27 16.33 -9.52
N TRP A 274 -10.78 17.33 -8.83
CA TRP A 274 -11.17 18.57 -9.53
C TRP A 274 -9.98 19.47 -9.60
N ASP A 275 -9.26 19.55 -8.48
CA ASP A 275 -7.94 20.18 -8.42
C ASP A 275 -7.06 19.55 -9.47
N ASP A 276 -6.89 18.21 -9.40
CA ASP A 276 -5.97 17.47 -10.29
C ASP A 276 -6.26 17.50 -11.80
N THR A 277 -7.54 17.45 -12.18
CA THR A 277 -7.91 17.59 -13.60
C THR A 277 -8.06 19.04 -14.03
N LYS A 278 -7.71 19.95 -13.11
CA LYS A 278 -7.91 21.41 -13.28
C LYS A 278 -9.26 21.70 -13.87
N GLY A 279 -10.26 21.04 -13.32
CA GLY A 279 -11.65 21.22 -13.76
C GLY A 279 -11.92 20.80 -15.19
N LYS A 280 -11.41 19.65 -15.60
CA LYS A 280 -11.63 19.25 -16.99
C LYS A 280 -12.18 17.85 -17.07
N VAL A 281 -12.44 17.27 -15.90
CA VAL A 281 -13.05 15.98 -15.88
C VAL A 281 -14.39 16.09 -16.57
N ASP A 282 -14.55 15.37 -17.68
CA ASP A 282 -15.85 15.42 -18.31
C ASP A 282 -16.76 14.32 -17.79
N ILE A 283 -16.20 13.22 -17.32
CA ILE A 283 -17.02 12.07 -16.91
C ILE A 283 -16.35 11.34 -15.75
N PHE A 284 -17.18 10.82 -14.83
CA PHE A 284 -16.74 10.12 -13.64
C PHE A 284 -17.38 8.76 -13.54
N VAL A 285 -16.58 7.74 -13.28
CA VAL A 285 -17.01 6.34 -13.32
C VAL A 285 -16.61 5.63 -12.03
N ALA A 286 -17.60 5.04 -11.35
CA ALA A 286 -17.28 4.35 -10.10
C ALA A 286 -18.16 3.14 -9.81
N GLY A 287 -17.56 2.05 -9.33
CA GLY A 287 -18.30 0.97 -8.71
C GLY A 287 -19.11 1.40 -7.51
N ILE A 288 -20.28 0.77 -7.30
CA ILE A 288 -21.09 1.06 -6.12
C ILE A 288 -21.10 -0.09 -5.09
N GLY A 289 -20.69 0.15 -3.85
CA GLY A 289 -20.88 -0.85 -2.79
C GLY A 289 -21.78 -0.18 -1.77
N THR A 290 -21.25 0.86 -1.08
CA THR A 290 -22.08 1.61 -0.16
C THR A 290 -22.72 2.79 -0.87
N GLY A 291 -22.19 3.20 -2.01
CA GLY A 291 -22.67 4.39 -2.73
C GLY A 291 -21.92 5.67 -2.35
N GLY A 292 -21.06 5.55 -1.33
CA GLY A 292 -20.34 6.73 -0.81
C GLY A 292 -19.56 7.53 -1.83
N THR A 293 -18.67 6.83 -2.52
CA THR A 293 -17.84 7.43 -3.54
C THR A 293 -18.67 8.08 -4.60
N ILE A 294 -19.58 7.34 -5.20
CA ILE A 294 -20.34 7.92 -6.30
C ILE A 294 -21.12 9.14 -5.81
N THR A 295 -21.70 9.00 -4.63
CA THR A 295 -22.49 10.09 -4.08
C THR A 295 -21.66 11.38 -3.80
N GLY A 296 -20.59 11.28 -3.01
CA GLY A 296 -19.82 12.48 -2.69
C GLY A 296 -19.11 13.14 -3.87
N VAL A 297 -18.53 12.33 -4.74
CA VAL A 297 -17.82 12.86 -5.88
C VAL A 297 -18.78 13.42 -6.89
N GLY A 298 -19.80 12.66 -7.20
CA GLY A 298 -20.82 13.11 -8.17
C GLY A 298 -21.47 14.40 -7.69
N ARG A 299 -21.81 14.43 -6.41
CA ARG A 299 -22.41 15.65 -5.84
C ARG A 299 -21.44 16.81 -6.01
N PHE A 300 -20.18 16.60 -5.61
CA PHE A 300 -19.24 17.68 -5.67
C PHE A 300 -19.01 18.15 -7.09
N ILE A 301 -18.94 17.18 -7.98
CA ILE A 301 -18.61 17.43 -9.37
C ILE A 301 -19.78 18.06 -10.19
N LYS A 302 -20.99 17.54 -10.02
CA LYS A 302 -22.20 18.21 -10.58
C LYS A 302 -22.29 19.64 -10.11
N GLU A 303 -22.08 19.88 -8.83
CA GLU A 303 -22.09 21.25 -8.33
C GLU A 303 -21.11 22.14 -9.09
N LYS A 304 -19.86 21.72 -9.28
CA LYS A 304 -18.89 22.52 -10.02
C LYS A 304 -19.27 22.69 -11.48
N ASN A 305 -19.87 21.61 -12.04
CA ASN A 305 -20.27 21.55 -13.47
C ASN A 305 -21.34 20.51 -13.78
N PRO A 306 -22.62 20.96 -13.90
CA PRO A 306 -23.73 20.02 -14.11
C PRO A 306 -23.64 19.27 -15.44
N LYS A 307 -22.75 19.69 -16.33
CA LYS A 307 -22.60 18.99 -17.61
C LYS A 307 -21.85 17.65 -17.49
N THR A 308 -21.14 17.47 -16.38
CA THR A 308 -20.35 16.26 -16.16
C THR A 308 -21.26 15.05 -15.97
N GLN A 309 -20.97 13.96 -16.67
CA GLN A 309 -21.75 12.73 -16.52
C GLN A 309 -21.23 11.89 -15.35
N VAL A 310 -22.13 11.17 -14.70
CA VAL A 310 -21.75 10.30 -13.60
C VAL A 310 -22.32 8.92 -13.83
N ILE A 311 -21.43 7.92 -13.83
CA ILE A 311 -21.77 6.55 -14.20
C ILE A 311 -21.35 5.60 -13.11
N GLY A 312 -22.27 4.74 -12.69
CA GLY A 312 -22.04 3.84 -11.58
C GLY A 312 -21.96 2.43 -12.07
N VAL A 313 -21.31 1.57 -11.29
CA VAL A 313 -21.04 0.22 -11.78
C VAL A 313 -21.51 -0.86 -10.82
N GLU A 314 -22.15 -1.89 -11.39
CA GLU A 314 -22.60 -3.05 -10.65
C GLU A 314 -22.27 -4.37 -11.39
N PRO A 315 -22.40 -5.51 -10.70
CA PRO A 315 -22.19 -6.78 -11.37
C PRO A 315 -23.39 -7.19 -12.24
N THR A 316 -23.13 -7.77 -13.44
CA THR A 316 -24.21 -8.35 -14.27
C THR A 316 -25.03 -9.35 -13.49
N GLU A 317 -24.36 -10.06 -12.60
CA GLU A 317 -24.96 -11.12 -11.80
C GLU A 317 -25.83 -10.57 -10.65
N SER A 318 -25.64 -9.32 -10.27
CA SER A 318 -26.48 -8.68 -9.23
C SER A 318 -26.80 -7.25 -9.66
N ASP A 319 -27.46 -7.10 -10.82
CA ASP A 319 -27.63 -5.80 -11.48
C ASP A 319 -28.96 -5.11 -11.13
N ILE A 320 -29.17 -4.85 -9.83
CA ILE A 320 -30.45 -4.36 -9.30
C ILE A 320 -30.74 -2.90 -9.68
N LEU A 321 -29.68 -2.14 -9.91
CA LEU A 321 -29.83 -0.75 -10.31
C LEU A 321 -30.28 -0.67 -11.77
N SER A 322 -30.06 -1.76 -12.51
CA SER A 322 -30.55 -1.84 -13.89
C SER A 322 -31.89 -2.58 -13.97
N GLY A 323 -32.44 -2.93 -12.80
CA GLY A 323 -33.75 -3.60 -12.73
C GLY A 323 -33.73 -5.12 -12.62
N GLY A 324 -32.56 -5.70 -12.32
CA GLY A 324 -32.40 -7.16 -12.23
C GLY A 324 -32.43 -7.71 -10.81
N LYS A 325 -32.32 -9.03 -10.67
CA LYS A 325 -32.40 -9.69 -9.35
C LYS A 325 -31.06 -9.77 -8.60
N PRO A 326 -31.10 -9.74 -7.24
CA PRO A 326 -29.85 -9.97 -6.48
C PRO A 326 -29.44 -11.44 -6.47
N GLY A 327 -28.13 -11.69 -6.45
CA GLY A 327 -27.61 -13.06 -6.51
C GLY A 327 -26.19 -13.11 -5.99
N PRO A 328 -25.49 -14.23 -6.21
CA PRO A 328 -24.10 -14.22 -5.75
C PRO A 328 -23.14 -13.85 -6.90
N HIS A 329 -22.02 -13.21 -6.57
CA HIS A 329 -21.06 -12.83 -7.59
C HIS A 329 -19.69 -12.79 -6.96
N LYS A 330 -18.73 -12.20 -7.66
CA LYS A 330 -17.33 -12.27 -7.29
C LYS A 330 -16.66 -10.90 -7.34
N ILE A 331 -17.39 -9.88 -7.75
CA ILE A 331 -16.80 -8.56 -7.83
C ILE A 331 -16.86 -7.94 -6.43
N GLN A 332 -15.96 -8.43 -5.57
CA GLN A 332 -15.96 -8.11 -4.15
C GLN A 332 -15.80 -6.60 -3.94
N GLY A 333 -16.64 -6.05 -3.06
CA GLY A 333 -16.63 -4.62 -2.83
C GLY A 333 -17.77 -3.86 -3.51
N ILE A 334 -18.38 -4.44 -4.53
CA ILE A 334 -19.58 -3.83 -5.13
C ILE A 334 -20.76 -4.78 -5.09
N GLY A 335 -21.89 -4.36 -5.65
CA GLY A 335 -23.08 -5.20 -5.66
C GLY A 335 -23.46 -5.85 -4.33
N ALA A 336 -23.87 -5.00 -3.39
CA ALA A 336 -24.25 -5.44 -2.06
C ALA A 336 -25.62 -6.14 -2.06
N GLY A 337 -26.35 -6.08 -3.17
CA GLY A 337 -27.60 -6.83 -3.30
C GLY A 337 -28.86 -6.11 -2.82
N PHE A 338 -28.69 -4.84 -2.45
CA PHE A 338 -29.79 -3.94 -2.11
C PHE A 338 -29.32 -2.52 -2.48
N ILE A 339 -30.21 -1.56 -2.60
CA ILE A 339 -29.84 -0.17 -2.87
C ILE A 339 -29.66 0.56 -1.54
N PRO A 340 -28.42 0.84 -1.17
CA PRO A 340 -28.06 1.39 0.15
C PRO A 340 -28.40 2.85 0.25
N LYS A 341 -28.68 3.29 1.46
CA LYS A 341 -29.01 4.67 1.66
C LYS A 341 -27.89 5.64 1.26
N ASN A 342 -26.64 5.25 1.36
CA ASN A 342 -25.60 6.20 0.93
C ASN A 342 -25.47 6.45 -0.58
N LEU A 343 -26.39 5.87 -1.36
CA LEU A 343 -26.39 6.10 -2.79
C LEU A 343 -27.41 7.14 -3.16
N ASP A 344 -26.97 8.26 -3.69
CA ASP A 344 -27.89 9.27 -4.12
C ASP A 344 -28.14 8.95 -5.55
N GLN A 345 -29.20 8.20 -5.78
CA GLN A 345 -29.42 7.70 -7.10
C GLN A 345 -29.71 8.83 -8.03
N LYS A 346 -29.90 10.01 -7.45
CA LYS A 346 -30.24 11.25 -8.20
C LYS A 346 -29.06 11.86 -9.00
N ILE A 347 -27.80 11.63 -8.60
CA ILE A 347 -26.69 12.27 -9.33
C ILE A 347 -26.11 11.42 -10.48
N MET A 348 -26.48 10.15 -10.52
CA MET A 348 -26.14 9.27 -11.61
C MET A 348 -26.88 9.55 -12.96
N ASP A 349 -26.12 9.76 -14.03
CA ASP A 349 -26.71 9.80 -15.36
C ASP A 349 -26.85 8.38 -15.97
N GLU A 350 -26.22 7.36 -15.41
CA GLU A 350 -26.20 6.04 -16.06
C GLU A 350 -25.62 4.91 -15.18
N VAL A 351 -26.07 3.69 -15.39
CA VAL A 351 -25.48 2.53 -14.73
C VAL A 351 -25.05 1.48 -15.75
N ILE A 352 -23.72 1.24 -15.81
CA ILE A 352 -23.18 0.15 -16.64
C ILE A 352 -22.93 -1.12 -15.80
N ALA A 353 -23.40 -2.25 -16.28
CA ALA A 353 -23.25 -3.48 -15.51
C ALA A 353 -22.15 -4.35 -16.12
N ILE A 354 -21.11 -4.66 -15.35
CA ILE A 354 -20.00 -5.43 -15.90
C ILE A 354 -19.90 -6.77 -15.17
N SER A 355 -19.50 -7.82 -15.91
CA SER A 355 -19.43 -9.20 -15.40
C SER A 355 -18.16 -9.56 -14.60
N SER A 356 -18.28 -10.52 -13.69
CA SER A 356 -17.09 -11.09 -13.08
C SER A 356 -15.93 -11.28 -14.05
N GLU A 357 -16.15 -12.03 -15.14
CA GLU A 357 -15.00 -12.47 -15.94
C GLU A 357 -14.33 -11.28 -16.62
N GLU A 358 -15.11 -10.32 -17.08
CA GLU A 358 -14.51 -9.16 -17.68
C GLU A 358 -13.82 -8.29 -16.59
N ALA A 359 -14.36 -8.31 -15.38
CA ALA A 359 -13.73 -7.51 -14.32
C ALA A 359 -12.37 -8.12 -14.01
N ILE A 360 -12.38 -9.41 -13.73
CA ILE A 360 -11.20 -10.20 -13.56
C ILE A 360 -10.20 -9.99 -14.72
N GLU A 361 -10.65 -10.19 -15.96
CA GLU A 361 -9.75 -9.99 -17.09
C GLU A 361 -9.21 -8.57 -17.14
N THR A 362 -10.04 -7.59 -16.78
CA THR A 362 -9.53 -6.22 -16.90
C THR A 362 -8.47 -5.88 -15.85
N ALA A 363 -8.63 -6.48 -14.66
CA ALA A 363 -7.68 -6.31 -13.57
C ALA A 363 -6.39 -6.96 -14.06
N LYS A 364 -6.50 -8.10 -14.72
CA LYS A 364 -5.29 -8.79 -15.18
C LYS A 364 -4.49 -7.96 -16.17
N GLN A 365 -5.16 -7.29 -17.09
CA GLN A 365 -4.44 -6.48 -18.05
C GLN A 365 -3.88 -5.20 -17.42
N LEU A 366 -4.57 -4.68 -16.42
CA LEU A 366 -4.06 -3.48 -15.77
C LEU A 366 -2.71 -3.84 -15.13
N ALA A 367 -2.59 -5.06 -14.65
CA ALA A 367 -1.36 -5.49 -14.07
C ALA A 367 -0.35 -5.56 -15.23
N LEU A 368 -0.66 -6.36 -16.25
CA LEU A 368 0.25 -6.67 -17.39
C LEU A 368 0.65 -5.50 -18.31
N LYS A 369 -0.31 -4.62 -18.64
CA LYS A 369 -0.06 -3.49 -19.53
C LYS A 369 0.38 -2.21 -18.81
N GLU A 370 -0.24 -1.89 -17.65
CA GLU A 370 -0.04 -0.63 -16.98
C GLU A 370 0.94 -0.69 -15.79
N GLY A 371 1.26 -1.89 -15.36
CA GLY A 371 2.01 -2.05 -14.12
C GLY A 371 1.19 -1.67 -12.89
N LEU A 372 -0.13 -1.90 -12.95
CA LEU A 372 -1.05 -1.54 -11.86
C LEU A 372 -1.76 -2.74 -11.25
N MET A 373 -1.42 -2.94 -9.97
CA MET A 373 -1.84 -4.08 -9.17
C MET A 373 -3.13 -3.74 -8.45
N VAL A 374 -4.27 -4.14 -9.02
CA VAL A 374 -5.52 -3.70 -8.49
C VAL A 374 -6.46 -4.83 -8.20
N GLY A 375 -7.44 -4.57 -7.32
CA GLY A 375 -8.50 -5.51 -7.05
C GLY A 375 -9.52 -5.67 -8.20
N ILE A 376 -10.37 -6.67 -8.08
CA ILE A 376 -11.30 -6.98 -9.13
C ILE A 376 -12.29 -5.81 -9.45
N SER A 377 -12.70 -5.08 -8.43
CA SER A 377 -13.61 -3.95 -8.66
C SER A 377 -12.89 -2.84 -9.43
N SER A 378 -11.58 -2.71 -9.26
CA SER A 378 -10.88 -1.74 -10.09
C SER A 378 -10.95 -2.15 -11.56
N GLY A 379 -11.20 -3.44 -11.80
CA GLY A 379 -11.18 -3.97 -13.15
C GLY A 379 -12.53 -3.64 -13.71
N ALA A 380 -13.57 -3.93 -12.94
CA ALA A 380 -14.95 -3.61 -13.32
C ALA A 380 -15.09 -2.12 -13.67
N ALA A 381 -14.56 -1.27 -12.80
CA ALA A 381 -14.65 0.17 -13.04
C ALA A 381 -13.85 0.53 -14.27
N ALA A 382 -12.67 -0.06 -14.41
CA ALA A 382 -11.84 0.22 -15.57
C ALA A 382 -12.55 -0.25 -16.85
N ALA A 383 -13.12 -1.45 -16.84
CA ALA A 383 -13.77 -1.96 -18.05
C ALA A 383 -14.81 -0.93 -18.44
N ALA A 384 -15.58 -0.48 -17.44
CA ALA A 384 -16.72 0.40 -17.73
C ALA A 384 -16.15 1.65 -18.31
N ALA A 385 -15.07 2.11 -17.70
CA ALA A 385 -14.45 3.32 -18.18
C ALA A 385 -14.05 3.20 -19.64
N ILE A 386 -13.34 2.09 -19.97
CA ILE A 386 -12.87 1.80 -21.34
C ILE A 386 -13.99 1.86 -22.40
N LYS A 387 -15.09 1.12 -22.19
CA LYS A 387 -16.22 1.21 -23.11
C LYS A 387 -16.63 2.66 -23.34
N VAL A 388 -16.99 3.36 -22.27
CA VAL A 388 -17.35 4.78 -22.35
C VAL A 388 -16.36 5.58 -23.25
N ALA A 389 -15.06 5.35 -23.05
CA ALA A 389 -14.03 6.12 -23.73
C ALA A 389 -13.91 5.74 -25.20
N LYS A 390 -14.70 4.76 -25.61
CA LYS A 390 -14.78 4.33 -27.00
C LYS A 390 -16.08 4.79 -27.68
N ARG A 391 -17.00 5.39 -26.93
CA ARG A 391 -18.19 6.02 -27.54
C ARG A 391 -17.81 7.27 -28.32
N PRO A 392 -18.18 7.27 -29.61
CA PRO A 392 -17.80 8.34 -30.51
C PRO A 392 -18.09 9.71 -29.92
N GLU A 393 -19.26 9.90 -29.33
CA GLU A 393 -19.54 11.14 -28.61
C GLU A 393 -18.31 11.68 -27.84
N ASN A 394 -17.52 10.78 -27.23
CA ASN A 394 -16.59 11.24 -26.21
C ASN A 394 -15.18 11.58 -26.67
N ALA A 395 -15.03 11.82 -27.98
CA ALA A 395 -13.70 12.07 -28.55
C ALA A 395 -12.99 13.27 -27.94
N GLY A 396 -11.80 13.04 -27.38
CA GLY A 396 -10.98 14.11 -26.85
C GLY A 396 -11.38 14.54 -25.44
N LYS A 397 -12.35 13.86 -24.83
CA LYS A 397 -12.77 14.19 -23.47
C LYS A 397 -11.96 13.43 -22.38
N LEU A 398 -12.02 13.91 -21.15
CA LEU A 398 -11.28 13.31 -20.04
C LEU A 398 -12.23 12.56 -19.11
N ILE A 399 -11.94 11.28 -18.88
CA ILE A 399 -12.72 10.47 -17.95
C ILE A 399 -11.88 10.24 -16.72
N ALA A 400 -12.49 10.36 -15.52
CA ALA A 400 -11.87 9.88 -14.28
C ALA A 400 -12.58 8.65 -13.75
N VAL A 401 -11.83 7.63 -13.36
CA VAL A 401 -12.41 6.39 -12.82
C VAL A 401 -11.68 6.04 -11.50
N VAL A 402 -12.45 5.56 -10.49
CA VAL A 402 -11.91 5.05 -9.21
C VAL A 402 -11.41 3.59 -9.20
N PHE A 403 -10.18 3.41 -8.71
CA PHE A 403 -9.60 2.09 -8.42
C PHE A 403 -9.60 1.89 -6.93
N PRO A 404 -10.52 1.09 -6.41
CA PRO A 404 -10.77 1.16 -4.96
C PRO A 404 -9.71 0.53 -4.06
N SER A 405 -9.02 -0.50 -4.55
CA SER A 405 -8.13 -1.28 -3.70
C SER A 405 -6.96 -1.94 -4.44
N PHE A 406 -5.85 -2.09 -3.72
CA PHE A 406 -4.65 -2.71 -4.22
C PHE A 406 -4.95 -4.20 -4.39
N GLY A 407 -4.33 -4.81 -5.40
CA GLY A 407 -4.58 -6.21 -5.70
C GLY A 407 -3.99 -7.22 -4.72
N GLU A 408 -2.78 -6.95 -4.21
CA GLU A 408 -2.07 -7.89 -3.31
C GLU A 408 -2.90 -8.44 -2.14
N ARG A 409 -3.92 -7.69 -1.77
CA ARG A 409 -4.94 -8.09 -0.80
C ARG A 409 -5.73 -9.30 -1.33
N TYR A 410 -5.72 -9.51 -2.63
CA TYR A 410 -6.58 -10.55 -3.17
C TYR A 410 -5.85 -11.76 -3.75
N LEU A 411 -4.65 -12.07 -3.26
CA LEU A 411 -3.87 -13.22 -3.77
C LEU A 411 -4.58 -14.57 -3.64
N SER A 412 -5.77 -14.59 -3.04
CA SER A 412 -6.50 -15.83 -2.79
C SER A 412 -7.87 -15.85 -3.47
N THR A 413 -8.18 -14.81 -4.20
CA THR A 413 -9.47 -14.75 -4.88
C THR A 413 -9.34 -15.26 -6.32
N PRO A 414 -10.50 -15.53 -6.94
CA PRO A 414 -10.56 -15.86 -8.37
C PRO A 414 -9.60 -15.00 -9.24
N LEU A 415 -9.33 -13.76 -8.84
CA LEU A 415 -8.44 -12.87 -9.61
C LEU A 415 -7.10 -13.55 -9.93
N PHE A 416 -6.59 -14.31 -8.97
CA PHE A 416 -5.23 -14.81 -9.07
C PHE A 416 -5.15 -16.33 -9.13
N GLN A 417 -6.30 -17.02 -9.13
CA GLN A 417 -6.31 -18.49 -9.09
C GLN A 417 -5.83 -19.17 -10.38
N SER A 418 -5.91 -18.47 -11.53
CA SER A 418 -5.38 -19.00 -12.81
C SER A 418 -3.83 -18.84 -12.87
N ILE A 419 -3.36 -17.75 -12.26
CA ILE A 419 -1.95 -17.50 -12.05
C ILE A 419 -1.42 -18.41 -10.93
N ARG A 420 -2.27 -18.71 -9.95
CA ARG A 420 -1.93 -19.60 -8.83
C ARG A 420 -1.72 -21.06 -9.24
N GLU A 421 -2.37 -21.50 -10.31
CA GLU A 421 -2.18 -22.87 -10.82
C GLU A 421 -0.82 -22.98 -11.50
N GLU A 422 -0.50 -21.99 -12.33
CA GLU A 422 0.78 -21.86 -12.99
C GLU A 422 2.03 -22.05 -12.11
N VAL A 423 1.97 -21.59 -10.85
CA VAL A 423 3.05 -21.80 -9.88
C VAL A 423 3.05 -23.22 -9.29
N GLY B 110 -1.84 20.45 -19.31
CA GLY B 110 -0.81 20.26 -18.26
C GLY B 110 -1.40 19.93 -16.87
N LEU B 111 -2.00 18.74 -16.76
CA LEU B 111 -2.80 18.41 -15.59
C LEU B 111 -1.91 17.79 -14.51
N ASN B 112 -2.31 17.85 -13.24
CA ASN B 112 -1.54 17.18 -12.20
C ASN B 112 -1.90 15.69 -12.09
N ILE B 113 -1.63 14.93 -13.16
CA ILE B 113 -1.87 13.46 -13.26
C ILE B 113 -0.58 12.77 -13.74
N ALA B 114 -0.27 11.55 -13.27
CA ALA B 114 0.93 10.83 -13.78
C ALA B 114 0.72 10.24 -15.20
N ASP B 115 1.76 10.30 -16.04
CA ASP B 115 1.67 9.72 -17.40
C ASP B 115 1.61 8.23 -17.29
N ASN B 116 2.28 7.72 -16.26
CA ASN B 116 2.48 6.29 -16.11
CA ASN B 116 2.49 6.29 -16.12
C ASN B 116 2.87 5.96 -14.67
N VAL B 117 2.68 4.71 -14.27
CA VAL B 117 3.07 4.25 -12.94
C VAL B 117 4.45 4.73 -12.42
N SER B 118 5.42 4.93 -13.30
CA SER B 118 6.76 5.36 -12.89
C SER B 118 6.76 6.71 -12.24
N GLN B 119 5.85 7.55 -12.66
CA GLN B 119 5.84 8.88 -12.08
C GLN B 119 5.14 8.90 -10.73
N LEU B 120 4.80 7.74 -10.20
CA LEU B 120 4.12 7.72 -8.92
C LEU B 120 5.10 7.39 -7.81
N ILE B 121 6.33 7.02 -8.18
CA ILE B 121 7.31 6.49 -7.24
C ILE B 121 7.90 7.64 -6.43
N GLY B 122 8.22 7.36 -5.16
CA GLY B 122 8.96 8.36 -4.40
C GLY B 122 8.02 9.42 -3.89
N LYS B 123 8.55 10.51 -3.37
CA LYS B 123 7.69 11.50 -2.71
C LYS B 123 6.74 10.90 -1.66
N THR B 124 7.13 9.77 -1.08
CA THR B 124 6.41 9.22 0.07
C THR B 124 6.42 10.18 1.23
N PRO B 125 5.44 10.05 2.11
CA PRO B 125 5.38 10.93 3.27
C PRO B 125 6.11 10.38 4.54
N MET B 126 6.13 11.21 5.57
CA MET B 126 6.71 10.91 6.84
C MET B 126 5.63 11.13 7.89
N VAL B 127 5.73 10.35 8.97
CA VAL B 127 4.75 10.40 10.02
C VAL B 127 5.47 10.31 11.37
N TYR B 128 5.01 11.11 12.34
CA TYR B 128 5.60 11.07 13.67
C TYR B 128 5.18 9.77 14.33
N LEU B 129 6.07 9.21 15.16
CA LEU B 129 5.69 8.07 16.01
C LEU B 129 5.23 8.68 17.29
N ASN B 130 4.10 8.24 17.82
CA ASN B 130 3.57 8.85 19.04
C ASN B 130 3.62 7.92 20.24
N SER B 131 2.55 7.19 20.46
CA SER B 131 2.50 6.46 21.69
C SER B 131 3.62 5.40 21.86
N ILE B 132 4.04 4.79 20.75
CA ILE B 132 5.09 3.81 20.79
C ILE B 132 6.40 4.54 21.16
N ALA B 133 6.45 5.86 20.94
CA ALA B 133 7.66 6.62 21.29
C ALA B 133 7.62 7.17 22.73
N LYS B 134 6.67 6.70 23.52
CA LYS B 134 6.62 7.11 24.94
C LYS B 134 7.97 6.91 25.61
N GLY B 135 8.49 7.92 26.30
CA GLY B 135 9.77 7.77 27.02
C GLY B 135 10.87 8.52 26.30
N CYS B 136 10.72 8.73 25.02
CA CYS B 136 11.81 9.20 24.23
C CYS B 136 11.91 10.70 24.42
N VAL B 137 13.12 11.23 24.36
CA VAL B 137 13.38 12.65 24.49
C VAL B 137 13.59 13.33 23.14
N ALA B 138 13.81 12.54 22.09
CA ALA B 138 13.85 13.07 20.71
C ALA B 138 12.54 12.73 19.97
N ASN B 139 12.17 13.54 18.97
CA ASN B 139 11.11 13.17 18.04
C ASN B 139 11.52 12.14 16.97
N ILE B 140 10.58 11.31 16.53
CA ILE B 140 10.93 10.34 15.51
C ILE B 140 9.93 10.45 14.40
N ALA B 141 10.42 10.68 13.19
CA ALA B 141 9.49 10.69 12.07
C ALA B 141 9.88 9.57 11.13
N ALA B 142 8.90 8.72 10.80
CA ALA B 142 9.13 7.57 9.89
C ALA B 142 8.91 7.91 8.41
N LYS B 143 9.82 7.45 7.59
CA LYS B 143 9.77 7.70 6.17
C LYS B 143 9.12 6.50 5.56
N LEU B 144 7.89 6.66 5.08
CA LEU B 144 7.02 5.52 4.78
C LEU B 144 7.21 4.97 3.38
N GLU B 145 8.27 4.20 3.19
CA GLU B 145 8.50 3.61 1.87
C GLU B 145 7.40 2.58 1.62
N ILE B 146 6.68 2.22 2.68
CA ILE B 146 5.53 1.31 2.55
C ILE B 146 4.42 1.87 1.64
N MET B 147 4.42 3.17 1.38
CA MET B 147 3.39 3.83 0.57
C MET B 147 3.85 4.11 -0.87
N GLU B 148 4.93 3.41 -1.25
CA GLU B 148 5.36 3.30 -2.65
C GLU B 148 4.26 2.57 -3.46
N PRO B 149 4.15 2.86 -4.77
CA PRO B 149 3.09 2.26 -5.59
C PRO B 149 2.98 0.76 -5.34
N CYS B 150 4.11 0.10 -5.09
CA CYS B 150 4.05 -1.32 -4.82
C CYS B 150 4.56 -1.68 -3.41
N CYS B 151 4.45 -0.70 -2.49
CA CYS B 151 4.54 -0.99 -1.05
C CYS B 151 5.95 -1.28 -0.49
N SER B 152 7.01 -0.93 -1.23
CA SER B 152 8.35 -0.99 -0.65
C SER B 152 9.32 0.03 -1.26
N VAL B 153 10.41 0.28 -0.54
CA VAL B 153 11.52 1.12 -0.98
C VAL B 153 12.09 0.68 -2.34
N LYS B 154 12.01 -0.60 -2.70
CA LYS B 154 12.62 -1.13 -3.97
C LYS B 154 11.98 -0.58 -5.28
N ASP B 155 10.82 0.05 -5.14
CA ASP B 155 10.15 0.67 -6.26
C ASP B 155 11.03 1.79 -6.80
N ARG B 156 11.83 2.40 -5.92
CA ARG B 156 12.76 3.43 -6.37
C ARG B 156 13.93 2.84 -7.17
N ILE B 157 14.44 1.67 -6.80
CA ILE B 157 15.66 1.25 -7.50
C ILE B 157 15.38 0.46 -8.75
N GLY B 158 14.23 -0.22 -8.79
CA GLY B 158 13.82 -0.86 -10.04
C GLY B 158 13.61 0.20 -11.13
N TYR B 159 13.00 1.31 -10.76
CA TYR B 159 12.83 2.40 -11.66
C TYR B 159 14.22 2.94 -12.05
N SER B 160 15.07 3.18 -11.06
CA SER B 160 16.28 3.93 -11.36
C SER B 160 17.32 3.10 -12.11
N MET B 161 17.41 1.80 -11.84
CA MET B 161 18.44 0.97 -12.51
C MET B 161 17.97 0.70 -13.93
N VAL B 162 16.67 0.78 -14.18
CA VAL B 162 16.21 0.63 -15.54
C VAL B 162 16.47 1.90 -16.34
N THR B 163 16.02 3.02 -15.79
CA THR B 163 16.13 4.32 -16.41
C THR B 163 17.59 4.75 -16.64
N ASP B 164 18.43 4.52 -15.62
CA ASP B 164 19.85 4.88 -15.64
C ASP B 164 20.49 4.19 -16.84
N ALA B 165 20.16 2.91 -16.98
CA ALA B 165 20.60 2.11 -18.12
C ALA B 165 20.02 2.59 -19.46
N GLU B 166 18.80 3.08 -19.47
CA GLU B 166 18.18 3.47 -20.74
C GLU B 166 18.90 4.69 -21.19
N GLN B 167 19.09 5.54 -20.21
CA GLN B 167 19.72 6.80 -20.48
C GLN B 167 21.15 6.57 -21.00
N LYS B 168 21.95 5.77 -20.30
CA LYS B 168 23.26 5.43 -20.84
C LYS B 168 23.19 4.63 -22.16
N GLY B 169 22.00 4.30 -22.62
CA GLY B 169 21.84 3.57 -23.90
C GLY B 169 22.21 2.08 -23.91
N PHE B 170 22.14 1.42 -22.76
CA PHE B 170 22.47 -0.01 -22.72
C PHE B 170 21.26 -0.91 -23.04
N ILE B 171 20.05 -0.36 -22.88
CA ILE B 171 18.82 -1.14 -22.98
C ILE B 171 17.68 -0.34 -23.68
N SER B 172 16.92 -1.02 -24.54
CA SER B 172 15.67 -0.44 -25.07
C SER B 172 14.53 -1.47 -24.99
N PRO B 173 13.27 -0.98 -24.82
CA PRO B 173 12.10 -1.88 -24.68
C PRO B 173 11.86 -2.67 -25.97
N GLY B 174 11.42 -3.93 -25.87
CA GLY B 174 11.21 -4.80 -27.05
C GLY B 174 12.48 -5.57 -27.41
N LYS B 175 13.62 -4.91 -27.20
CA LYS B 175 14.93 -5.48 -27.46
C LYS B 175 15.51 -6.15 -26.18
N SER B 176 16.03 -5.35 -25.25
CA SER B 176 16.70 -5.87 -24.05
C SER B 176 15.85 -6.73 -23.12
N VAL B 177 16.50 -7.74 -22.53
CA VAL B 177 15.88 -8.59 -21.51
C VAL B 177 16.57 -8.35 -20.17
N LEU B 178 15.79 -7.84 -19.23
CA LEU B 178 16.27 -7.61 -17.89
C LEU B 178 16.37 -8.94 -17.16
N VAL B 179 17.41 -9.04 -16.34
CA VAL B 179 17.67 -10.25 -15.57
C VAL B 179 18.17 -9.83 -14.18
N GLU B 180 17.59 -10.44 -13.15
CA GLU B 180 18.05 -10.15 -11.83
C GLU B 180 17.83 -11.41 -10.96
N PRO B 181 18.86 -11.84 -10.20
CA PRO B 181 18.61 -12.80 -9.12
C PRO B 181 17.93 -12.12 -7.92
N THR B 182 16.67 -12.41 -7.70
CA THR B 182 15.98 -11.81 -6.56
C THR B 182 14.58 -12.35 -6.55
N SER B 183 14.05 -12.51 -5.36
CA SER B 183 12.60 -12.64 -5.33
C SER B 183 11.95 -11.52 -4.52
N GLY B 184 12.75 -10.87 -3.66
CA GLY B 184 12.19 -10.03 -2.61
C GLY B 184 11.38 -8.89 -3.19
N ASN B 185 11.60 -7.72 -2.61
CA ASN B 185 10.91 -6.54 -3.03
C ASN B 185 11.49 -5.99 -4.35
N THR B 186 12.78 -6.18 -4.56
CA THR B 186 13.36 -5.76 -5.83
C THR B 186 12.70 -6.41 -7.04
N GLY B 187 12.44 -7.70 -6.96
CA GLY B 187 11.79 -8.36 -8.10
C GLY B 187 10.48 -7.71 -8.44
N ILE B 188 9.75 -7.33 -7.38
CA ILE B 188 8.47 -6.66 -7.50
C ILE B 188 8.64 -5.26 -8.10
N GLY B 189 9.60 -4.49 -7.57
CA GLY B 189 9.89 -3.13 -8.04
C GLY B 189 10.22 -3.20 -9.51
N LEU B 190 10.96 -4.27 -9.89
CA LEU B 190 11.33 -4.53 -11.28
C LEU B 190 10.15 -5.00 -12.11
N ALA B 191 9.33 -5.87 -11.55
CA ALA B 191 8.30 -6.45 -12.36
C ALA B 191 7.29 -5.36 -12.84
N PHE B 192 6.92 -4.44 -11.97
CA PHE B 192 5.84 -3.55 -12.35
C PHE B 192 6.42 -2.54 -13.34
N ILE B 193 7.68 -2.15 -13.15
CA ILE B 193 8.36 -1.25 -14.10
C ILE B 193 8.51 -1.89 -15.50
N ALA B 194 8.69 -3.21 -15.51
CA ALA B 194 8.86 -3.97 -16.73
C ALA B 194 7.51 -4.10 -17.36
N ALA B 195 6.51 -4.45 -16.58
CA ALA B 195 5.14 -4.46 -17.15
C ALA B 195 4.84 -3.14 -17.87
N SER B 196 4.85 -2.07 -17.10
CA SER B 196 4.45 -0.76 -17.57
C SER B 196 5.29 -0.24 -18.73
N ARG B 197 6.53 -0.69 -18.84
CA ARG B 197 7.41 -0.20 -19.92
C ARG B 197 7.64 -1.15 -21.06
N GLY B 198 7.10 -2.37 -20.95
CA GLY B 198 7.32 -3.39 -22.00
C GLY B 198 8.76 -3.85 -22.11
N TYR B 199 9.41 -4.10 -20.98
CA TYR B 199 10.66 -4.87 -20.96
C TYR B 199 10.34 -6.29 -20.51
N ARG B 200 10.83 -7.28 -21.25
CA ARG B 200 10.76 -8.67 -20.80
C ARG B 200 11.69 -8.88 -19.61
N LEU B 201 11.26 -9.66 -18.62
CA LEU B 201 11.98 -9.71 -17.33
C LEU B 201 12.15 -11.13 -16.85
N ILE B 202 13.40 -11.49 -16.52
CA ILE B 202 13.68 -12.81 -15.95
C ILE B 202 14.20 -12.64 -14.56
N LEU B 203 13.53 -13.30 -13.63
CA LEU B 203 13.90 -13.27 -12.24
C LEU B 203 14.21 -14.70 -11.78
N THR B 204 15.38 -14.88 -11.18
CA THR B 204 15.80 -16.17 -10.66
C THR B 204 15.73 -16.14 -9.15
N MET B 205 15.45 -17.29 -8.56
CA MET B 205 15.26 -17.40 -7.12
C MET B 205 15.29 -18.88 -6.82
N PRO B 206 15.63 -19.24 -5.57
CA PRO B 206 15.55 -20.66 -5.24
C PRO B 206 14.08 -21.13 -5.27
N ALA B 207 13.86 -22.35 -5.77
CA ALA B 207 12.53 -23.00 -5.83
C ALA B 207 11.74 -22.76 -4.55
N SER B 208 12.47 -22.70 -3.44
CA SER B 208 11.93 -22.50 -2.09
C SER B 208 10.82 -21.47 -2.00
N MET B 209 10.97 -20.42 -2.81
CA MET B 209 10.08 -19.28 -2.78
C MET B 209 8.63 -19.70 -2.75
N SER B 210 7.89 -19.24 -1.73
CA SER B 210 6.51 -19.67 -1.57
C SER B 210 5.65 -19.01 -2.62
N MET B 211 4.45 -19.58 -2.79
CA MET B 211 3.54 -19.19 -3.85
C MET B 211 3.30 -17.69 -3.91
N GLU B 212 3.20 -17.07 -2.72
CA GLU B 212 2.74 -15.67 -2.56
C GLU B 212 3.47 -14.64 -3.43
N ARG B 213 4.77 -14.41 -3.15
CA ARG B 213 5.58 -13.52 -3.98
C ARG B 213 5.57 -13.96 -5.45
N ARG B 214 5.49 -15.26 -5.73
CA ARG B 214 5.57 -15.74 -7.11
C ARG B 214 4.31 -15.46 -7.89
N VAL B 215 3.18 -15.73 -7.27
CA VAL B 215 1.90 -15.38 -7.88
C VAL B 215 1.93 -13.90 -8.27
N LEU B 216 2.39 -13.04 -7.37
CA LEU B 216 2.36 -11.60 -7.61
C LEU B 216 3.36 -11.21 -8.72
N LEU B 217 4.51 -11.88 -8.74
CA LEU B 217 5.48 -11.56 -9.74
C LEU B 217 4.97 -11.99 -11.09
N LYS B 218 4.40 -13.20 -11.20
CA LYS B 218 3.81 -13.62 -12.47
C LYS B 218 2.65 -12.73 -12.94
N ALA B 219 1.83 -12.26 -12.00
CA ALA B 219 0.71 -11.36 -12.36
C ALA B 219 1.23 -10.10 -13.04
N PHE B 220 2.49 -9.78 -12.80
CA PHE B 220 3.10 -8.67 -13.51
C PHE B 220 3.68 -9.05 -14.87
N GLY B 221 3.59 -10.33 -15.25
CA GLY B 221 4.14 -10.83 -16.51
C GLY B 221 5.60 -11.26 -16.40
N ALA B 222 6.12 -11.23 -15.19
CA ALA B 222 7.52 -11.64 -15.02
C ALA B 222 7.70 -13.14 -15.23
N GLU B 223 8.69 -13.52 -16.04
CA GLU B 223 9.09 -14.92 -16.14
C GLU B 223 9.93 -15.32 -14.97
N LEU B 224 9.55 -16.45 -14.38
CA LEU B 224 10.23 -16.97 -13.22
C LEU B 224 11.13 -18.15 -13.60
N VAL B 225 12.37 -18.11 -13.14
CA VAL B 225 13.25 -19.26 -13.28
C VAL B 225 13.63 -19.68 -11.86
N LEU B 226 13.27 -20.92 -11.53
CA LEU B 226 13.47 -21.43 -10.17
C LEU B 226 14.76 -22.20 -10.13
N THR B 227 15.58 -21.90 -9.14
CA THR B 227 16.82 -22.63 -9.00
C THR B 227 16.75 -23.60 -7.83
N ASP B 228 17.90 -24.16 -7.48
CA ASP B 228 17.93 -25.20 -6.47
C ASP B 228 17.88 -24.64 -5.03
N PRO B 229 16.87 -25.09 -4.27
CA PRO B 229 16.62 -24.66 -2.90
C PRO B 229 17.88 -24.80 -2.02
N ALA B 230 18.54 -25.96 -2.08
CA ALA B 230 19.82 -26.17 -1.40
C ALA B 230 20.80 -25.01 -1.65
N LYS B 231 20.83 -24.51 -2.88
CA LYS B 231 21.84 -23.53 -3.25
C LYS B 231 21.56 -22.08 -2.82
N GLY B 232 20.34 -21.80 -2.34
CA GLY B 232 20.00 -20.45 -1.87
C GLY B 232 20.20 -19.34 -2.91
N MET B 233 20.60 -18.15 -2.45
CA MET B 233 20.82 -17.00 -3.35
C MET B 233 21.96 -17.28 -4.32
N THR B 234 23.02 -17.87 -3.78
CA THR B 234 24.22 -18.01 -4.58
C THR B 234 23.88 -18.81 -5.86
N GLY B 235 22.90 -19.71 -5.74
CA GLY B 235 22.49 -20.53 -6.88
C GLY B 235 21.72 -19.70 -7.87
N ALA B 236 20.99 -18.72 -7.34
CA ALA B 236 20.21 -17.80 -8.14
C ALA B 236 21.11 -16.80 -8.89
N VAL B 237 22.11 -16.22 -8.23
CA VAL B 237 23.00 -15.29 -8.92
C VAL B 237 23.61 -16.07 -10.10
N GLN B 238 23.91 -17.33 -9.82
CA GLN B 238 24.53 -18.25 -10.75
C GLN B 238 23.71 -18.48 -12.00
N LYS B 239 22.44 -18.84 -11.82
CA LYS B 239 21.62 -19.05 -12.99
C LYS B 239 21.52 -17.75 -13.75
N ALA B 240 21.52 -16.65 -13.00
CA ALA B 240 21.29 -15.37 -13.62
C ALA B 240 22.55 -14.97 -14.41
N GLU B 241 23.73 -15.32 -13.90
CA GLU B 241 24.92 -15.06 -14.68
C GLU B 241 24.98 -15.98 -15.88
N GLU B 242 24.45 -17.18 -15.71
CA GLU B 242 24.27 -18.12 -16.81
C GLU B 242 23.31 -17.58 -17.89
N ILE B 243 22.19 -17.02 -17.44
CA ILE B 243 21.19 -16.51 -18.37
C ILE B 243 21.68 -15.24 -19.04
N LEU B 244 22.27 -14.33 -18.26
CA LEU B 244 22.91 -13.14 -18.85
C LEU B 244 23.97 -13.57 -19.85
N LYS B 245 24.88 -14.44 -19.39
CA LYS B 245 25.98 -14.82 -20.26
C LYS B 245 25.56 -15.49 -21.58
N ASN B 246 24.35 -16.05 -21.66
CA ASN B 246 23.90 -16.68 -22.92
C ASN B 246 22.83 -15.95 -23.75
N THR B 247 21.89 -15.28 -23.07
CA THR B 247 20.70 -14.72 -23.72
C THR B 247 21.03 -13.51 -24.56
N PRO B 248 20.58 -13.49 -25.83
CA PRO B 248 20.94 -12.41 -26.75
C PRO B 248 20.85 -11.00 -26.14
N ASP B 249 19.66 -10.53 -25.85
CA ASP B 249 19.55 -9.13 -25.51
C ASP B 249 19.62 -8.86 -24.00
N ALA B 250 20.04 -9.87 -23.24
CA ALA B 250 20.03 -9.84 -21.76
C ALA B 250 20.80 -8.70 -21.09
N TYR B 251 20.31 -8.25 -19.93
CA TYR B 251 20.99 -7.20 -19.21
C TYR B 251 20.75 -7.34 -17.73
N MET B 252 21.82 -7.34 -16.94
CA MET B 252 21.66 -7.56 -15.51
C MET B 252 21.78 -6.27 -14.68
N LEU B 253 20.90 -6.14 -13.71
CA LEU B 253 20.86 -4.95 -12.87
C LEU B 253 21.83 -4.98 -11.72
N GLN B 254 22.06 -6.15 -11.13
CA GLN B 254 23.00 -6.27 -10.00
C GLN B 254 22.72 -5.25 -8.87
N GLN B 255 21.68 -5.51 -8.08
CA GLN B 255 21.17 -4.50 -7.15
C GLN B 255 22.15 -4.14 -6.02
N PHE B 256 23.09 -5.04 -5.71
CA PHE B 256 24.11 -4.79 -4.68
C PHE B 256 25.34 -4.05 -5.23
N ASP B 257 25.47 -3.92 -6.54
CA ASP B 257 26.71 -3.30 -7.07
C ASP B 257 26.39 -2.04 -7.88
N ASN B 258 25.16 -1.93 -8.30
CA ASN B 258 24.76 -0.89 -9.22
C ASN B 258 24.66 0.53 -8.62
N PRO B 259 25.60 1.41 -8.99
CA PRO B 259 25.70 2.78 -8.38
C PRO B 259 24.37 3.55 -8.38
N ALA B 260 23.48 3.13 -9.28
CA ALA B 260 22.18 3.77 -9.47
C ALA B 260 21.21 3.45 -8.33
N ASN B 261 21.47 2.37 -7.63
CA ASN B 261 20.73 2.08 -6.38
C ASN B 261 21.00 3.22 -5.34
N PRO B 262 22.23 3.38 -4.84
CA PRO B 262 22.48 4.49 -3.92
C PRO B 262 22.26 5.89 -4.54
N LYS B 263 22.51 6.02 -5.85
CA LYS B 263 22.24 7.26 -6.59
C LYS B 263 20.77 7.75 -6.47
N ILE B 264 19.79 6.86 -6.65
CA ILE B 264 18.39 7.31 -6.58
C ILE B 264 18.01 7.86 -5.22
N HIS B 265 18.57 7.24 -4.19
CA HIS B 265 18.36 7.66 -2.82
C HIS B 265 19.01 9.02 -2.55
N TYR B 266 20.17 9.25 -3.18
CA TYR B 266 20.83 10.53 -3.09
C TYR B 266 20.02 11.58 -3.86
N GLU B 267 19.33 11.14 -4.92
CA GLU B 267 18.61 12.10 -5.72
C GLU B 267 17.20 12.41 -5.21
N THR B 268 16.51 11.42 -4.66
CA THR B 268 15.13 11.59 -4.28
C THR B 268 14.92 11.42 -2.77
N THR B 269 15.32 10.25 -2.26
CA THR B 269 14.99 9.92 -0.90
C THR B 269 15.58 10.88 0.09
N GLY B 270 16.86 11.22 -0.09
CA GLY B 270 17.56 12.16 0.81
C GLY B 270 16.92 13.54 0.74
N PRO B 271 16.76 14.08 -0.47
CA PRO B 271 16.19 15.42 -0.65
C PRO B 271 14.76 15.48 -0.12
N GLU B 272 14.03 14.37 -0.21
CA GLU B 272 12.68 14.37 0.32
C GLU B 272 12.69 14.57 1.81
N ILE B 273 13.55 13.83 2.51
CA ILE B 273 13.64 13.92 3.93
C ILE B 273 14.16 15.28 4.30
N TRP B 274 15.16 15.74 3.56
CA TRP B 274 15.70 17.07 3.78
C TRP B 274 14.62 18.16 3.58
N ASP B 275 13.83 18.07 2.51
CA ASP B 275 12.68 19.03 2.29
C ASP B 275 11.58 18.93 3.33
N ASP B 276 11.08 17.73 3.61
CA ASP B 276 9.99 17.57 4.54
C ASP B 276 10.35 17.96 5.99
N THR B 277 11.61 17.81 6.39
CA THR B 277 11.98 18.19 7.74
C THR B 277 12.51 19.64 7.69
N LYS B 278 12.53 20.23 6.50
CA LYS B 278 12.96 21.64 6.40
C LYS B 278 14.37 21.77 6.90
N GLY B 279 15.29 20.89 6.48
CA GLY B 279 16.64 20.92 7.00
C GLY B 279 16.78 20.65 8.51
N LYS B 280 15.74 20.18 9.21
CA LYS B 280 15.90 20.06 10.67
C LYS B 280 16.35 18.67 11.13
N VAL B 281 16.42 17.73 10.21
CA VAL B 281 16.77 16.40 10.56
C VAL B 281 18.18 16.32 11.23
N ASP B 282 18.27 15.56 12.33
CA ASP B 282 19.50 15.46 13.09
C ASP B 282 20.10 14.10 12.92
N ILE B 283 19.28 13.07 12.91
CA ILE B 283 19.83 11.74 12.84
C ILE B 283 19.00 10.95 11.84
N PHE B 284 19.67 10.15 11.04
CA PHE B 284 19.01 9.32 10.09
C PHE B 284 19.31 7.86 10.42
N VAL B 285 18.26 7.05 10.61
CA VAL B 285 18.40 5.62 10.94
C VAL B 285 17.87 4.77 9.81
N ALA B 286 18.61 3.75 9.40
CA ALA B 286 18.11 2.89 8.32
C ALA B 286 18.74 1.54 8.37
N GLY B 287 17.93 0.51 8.16
CA GLY B 287 18.49 -0.82 8.06
C GLY B 287 19.30 -0.94 6.77
N ILE B 288 20.31 -1.81 6.78
CA ILE B 288 21.12 -2.12 5.57
C ILE B 288 20.85 -3.48 4.94
N GLY B 289 20.44 -3.43 3.68
CA GLY B 289 20.22 -4.59 2.85
C GLY B 289 21.20 -4.43 1.72
N THR B 290 20.81 -3.76 0.65
CA THR B 290 21.73 -3.50 -0.46
C THR B 290 22.71 -2.40 -0.07
N GLY B 291 22.42 -1.66 1.02
CA GLY B 291 23.24 -0.51 1.44
C GLY B 291 22.88 0.82 0.75
N GLY B 292 21.99 0.75 -0.25
CA GLY B 292 21.65 1.91 -1.06
C GLY B 292 20.99 3.04 -0.27
N THR B 293 20.09 2.69 0.67
CA THR B 293 19.35 3.75 1.37
C THR B 293 20.29 4.58 2.27
N ILE B 294 21.07 3.88 3.08
CA ILE B 294 21.93 4.49 4.03
C ILE B 294 22.97 5.33 3.26
N THR B 295 23.41 4.80 2.14
CA THR B 295 24.55 5.40 1.45
C THR B 295 24.12 6.65 0.70
N GLY B 296 23.08 6.53 -0.12
CA GLY B 296 22.55 7.69 -0.85
C GLY B 296 21.93 8.75 0.07
N VAL B 297 21.14 8.35 1.06
CA VAL B 297 20.58 9.35 2.00
C VAL B 297 21.67 9.95 2.86
N GLY B 298 22.48 9.06 3.43
CA GLY B 298 23.59 9.48 4.27
C GLY B 298 24.47 10.45 3.54
N ARG B 299 24.90 10.07 2.35
CA ARG B 299 25.73 10.98 1.58
C ARG B 299 25.03 12.31 1.38
N PHE B 300 23.74 12.29 1.06
CA PHE B 300 23.09 13.55 0.69
C PHE B 300 22.98 14.45 1.90
N ILE B 301 22.60 13.86 3.01
CA ILE B 301 22.32 14.60 4.21
C ILE B 301 23.60 15.12 4.83
N LYS B 302 24.68 14.36 4.77
CA LYS B 302 25.95 14.82 5.35
C LYS B 302 26.53 15.99 4.59
N GLU B 303 26.31 16.02 3.27
CA GLU B 303 26.71 17.16 2.46
C GLU B 303 25.89 18.39 2.75
N LYS B 304 24.63 18.20 3.13
CA LYS B 304 23.85 19.36 3.53
C LYS B 304 24.37 19.80 4.87
N ASN B 305 24.59 18.84 5.76
CA ASN B 305 24.95 19.13 7.15
C ASN B 305 25.82 18.02 7.77
N PRO B 306 27.14 18.19 7.74
CA PRO B 306 28.13 17.26 8.26
C PRO B 306 27.86 16.87 9.72
N LYS B 307 27.19 17.72 10.49
CA LYS B 307 26.86 17.39 11.91
C LYS B 307 25.84 16.26 12.12
N THR B 308 24.96 16.05 11.16
CA THR B 308 23.96 15.00 11.27
C THR B 308 24.64 13.67 11.52
N GLN B 309 23.98 12.82 12.30
CA GLN B 309 24.44 11.47 12.58
C GLN B 309 23.74 10.48 11.64
N VAL B 310 24.50 9.49 11.14
CA VAL B 310 23.94 8.44 10.27
C VAL B 310 24.14 7.07 10.89
N ILE B 311 23.04 6.38 11.11
CA ILE B 311 23.08 5.18 11.94
C ILE B 311 22.41 4.04 11.19
N GLY B 312 23.19 2.98 11.09
CA GLY B 312 22.78 1.77 10.40
C GLY B 312 22.26 0.74 11.39
N VAL B 313 21.49 -0.21 10.88
CA VAL B 313 20.86 -1.22 11.70
C VAL B 313 21.07 -2.55 11.03
N GLU B 314 21.41 -3.54 11.83
CA GLU B 314 21.58 -4.86 11.30
C GLU B 314 21.09 -5.85 12.35
N PRO B 315 20.91 -7.11 11.93
CA PRO B 315 20.49 -8.19 12.83
C PRO B 315 21.53 -8.56 13.88
N THR B 316 21.13 -8.80 15.13
CA THR B 316 22.09 -9.34 16.10
C THR B 316 22.61 -10.73 15.64
N GLU B 317 21.86 -11.43 14.81
CA GLU B 317 22.21 -12.79 14.36
C GLU B 317 23.12 -12.85 13.11
N SER B 318 23.53 -11.69 12.58
CA SER B 318 24.29 -11.57 11.30
C SER B 318 24.93 -10.18 11.16
N ASP B 319 25.58 -9.77 12.25
CA ASP B 319 26.18 -8.48 12.38
C ASP B 319 27.64 -8.38 11.83
N ILE B 320 27.77 -8.41 10.51
CA ILE B 320 29.08 -8.40 9.86
C ILE B 320 29.75 -6.99 9.76
N LEU B 321 28.95 -5.93 9.85
CA LEU B 321 29.47 -4.57 9.90
C LEU B 321 29.93 -4.24 11.31
N SER B 322 29.28 -4.87 12.31
CA SER B 322 29.73 -4.78 13.69
C SER B 322 31.04 -5.58 13.89
N GLY B 323 31.15 -6.69 13.15
CA GLY B 323 32.29 -7.59 13.28
C GLY B 323 31.90 -9.02 13.00
N GLY B 324 30.79 -9.47 13.61
CA GLY B 324 30.34 -10.88 13.57
C GLY B 324 30.28 -11.55 12.20
N LYS B 325 29.83 -12.80 12.17
CA LYS B 325 29.75 -13.56 10.91
C LYS B 325 28.30 -13.80 10.48
N PRO B 326 28.07 -14.17 9.20
CA PRO B 326 26.66 -14.26 8.78
C PRO B 326 25.96 -15.51 9.33
N GLY B 327 24.76 -15.30 9.87
CA GLY B 327 23.94 -16.38 10.45
C GLY B 327 22.47 -16.16 10.12
N PRO B 328 21.67 -17.24 10.28
CA PRO B 328 20.22 -17.18 10.01
C PRO B 328 19.58 -16.05 10.80
N HIS B 329 18.67 -15.31 10.20
CA HIS B 329 17.96 -14.32 10.97
C HIS B 329 16.62 -14.11 10.34
N LYS B 330 15.66 -13.61 11.11
CA LYS B 330 14.32 -13.39 10.53
C LYS B 330 14.04 -12.00 9.94
N ILE B 331 15.00 -11.08 10.01
CA ILE B 331 14.69 -9.72 9.54
C ILE B 331 14.73 -9.60 7.98
N GLN B 332 13.69 -10.13 7.32
CA GLN B 332 13.54 -10.03 5.87
C GLN B 332 13.85 -8.62 5.38
N GLY B 333 14.84 -8.52 4.49
CA GLY B 333 15.21 -7.25 3.87
C GLY B 333 16.60 -6.80 4.26
N ILE B 334 17.03 -7.13 5.49
CA ILE B 334 18.35 -6.69 5.97
C ILE B 334 19.34 -7.84 6.31
N GLY B 335 20.60 -7.47 6.59
CA GLY B 335 21.62 -8.44 6.89
C GLY B 335 21.74 -9.46 5.78
N ALA B 336 22.23 -9.04 4.64
CA ALA B 336 22.37 -9.93 3.49
C ALA B 336 23.47 -10.95 3.70
N GLY B 337 24.30 -10.77 4.73
CA GLY B 337 25.34 -11.78 5.02
C GLY B 337 26.73 -11.56 4.43
N PHE B 338 26.90 -10.45 3.70
CA PHE B 338 28.21 -9.98 3.18
C PHE B 338 28.03 -8.44 3.15
N ILE B 339 29.12 -7.69 3.18
CA ILE B 339 29.12 -6.23 2.98
C ILE B 339 28.88 -5.91 1.50
N PRO B 340 27.74 -5.28 1.17
CA PRO B 340 27.47 -5.06 -0.26
C PRO B 340 28.29 -3.92 -0.85
N LYS B 341 28.59 -4.00 -2.13
CA LYS B 341 29.42 -2.98 -2.70
C LYS B 341 28.83 -1.57 -2.58
N ASN B 342 27.50 -1.48 -2.60
CA ASN B 342 26.77 -0.24 -2.48
C ASN B 342 26.77 0.35 -1.07
N LEU B 343 27.51 -0.23 -0.12
CA LEU B 343 27.48 0.38 1.23
C LEU B 343 28.69 1.28 1.38
N ASP B 344 28.49 2.57 1.58
CA ASP B 344 29.67 3.36 1.89
C ASP B 344 29.77 3.37 3.40
N GLN B 345 30.70 2.60 3.94
CA GLN B 345 30.78 2.48 5.39
C GLN B 345 31.35 3.70 6.04
N LYS B 346 32.15 4.46 5.29
CA LYS B 346 32.63 5.75 5.76
C LYS B 346 31.51 6.71 6.14
N ILE B 347 30.29 6.49 5.61
CA ILE B 347 29.17 7.43 5.80
C ILE B 347 28.54 7.29 7.21
N MET B 348 28.61 6.11 7.82
CA MET B 348 27.90 5.87 9.06
C MET B 348 28.62 6.30 10.33
N ASP B 349 27.86 6.76 11.30
CA ASP B 349 28.45 7.17 12.57
C ASP B 349 28.41 6.00 13.58
N GLU B 350 27.45 5.09 13.40
CA GLU B 350 27.25 4.02 14.36
C GLU B 350 26.38 2.95 13.72
N VAL B 351 26.57 1.69 14.10
CA VAL B 351 25.65 0.64 13.74
C VAL B 351 25.08 0.05 15.02
N ILE B 352 23.77 -0.17 15.01
CA ILE B 352 23.04 -0.82 16.09
C ILE B 352 22.46 -2.19 15.67
N ALA B 353 22.70 -3.17 16.48
CA ALA B 353 22.27 -4.54 16.23
C ALA B 353 20.93 -4.68 16.96
N ILE B 354 19.93 -5.20 16.26
CA ILE B 354 18.57 -5.37 16.80
C ILE B 354 18.21 -6.86 16.65
N SER B 355 17.66 -7.47 17.68
CA SER B 355 17.30 -8.89 17.52
C SER B 355 15.99 -9.07 16.73
N SER B 356 15.86 -10.25 16.10
CA SER B 356 14.64 -10.70 15.44
C SER B 356 13.43 -10.52 16.34
N GLU B 357 13.56 -10.93 17.60
CA GLU B 357 12.44 -10.94 18.53
C GLU B 357 11.98 -9.49 18.75
N GLU B 358 12.96 -8.63 18.94
CA GLU B 358 12.71 -7.22 19.13
C GLU B 358 12.26 -6.50 17.86
N ALA B 359 12.65 -6.97 16.69
CA ALA B 359 12.08 -6.40 15.47
C ALA B 359 10.60 -6.78 15.37
N ILE B 360 10.30 -8.04 15.61
CA ILE B 360 8.97 -8.51 15.41
C ILE B 360 8.09 -7.82 16.46
N GLU B 361 8.60 -7.69 17.68
CA GLU B 361 7.78 -7.08 18.72
C GLU B 361 7.48 -5.61 18.41
N THR B 362 8.44 -4.90 17.81
CA THR B 362 8.23 -3.49 17.55
C THR B 362 7.27 -3.30 16.35
N ALA B 363 7.39 -4.16 15.35
CA ALA B 363 6.49 -4.17 14.23
C ALA B 363 5.04 -4.38 14.76
N LYS B 364 4.85 -5.29 15.67
CA LYS B 364 3.51 -5.52 16.14
C LYS B 364 3.01 -4.31 16.89
N GLN B 365 3.87 -3.68 17.68
CA GLN B 365 3.42 -2.44 18.38
C GLN B 365 3.18 -1.28 17.41
N LEU B 366 3.90 -1.24 16.29
CA LEU B 366 3.60 -0.20 15.28
C LEU B 366 2.16 -0.35 14.79
N ALA B 367 1.73 -1.61 14.66
CA ALA B 367 0.40 -1.83 14.17
C ALA B 367 -0.55 -1.51 15.28
N LEU B 368 -0.30 -2.00 16.48
CA LEU B 368 -1.29 -1.93 17.53
C LEU B 368 -1.49 -0.56 18.10
N LYS B 369 -0.43 0.24 18.08
CA LYS B 369 -0.38 1.58 18.67
C LYS B 369 -0.36 2.74 17.68
N GLU B 370 0.30 2.57 16.54
CA GLU B 370 0.34 3.63 15.56
C GLU B 370 -0.63 3.45 14.41
N GLY B 371 -1.15 2.23 14.21
CA GLY B 371 -1.96 1.90 13.08
C GLY B 371 -1.12 1.83 11.82
N LEU B 372 0.17 1.62 11.98
CA LEU B 372 1.09 1.38 10.85
C LEU B 372 1.40 -0.10 10.61
N MET B 373 1.00 -0.60 9.45
CA MET B 373 1.17 -2.04 9.18
C MET B 373 2.51 -2.22 8.50
N VAL B 374 3.53 -2.67 9.22
CA VAL B 374 4.84 -2.71 8.63
C VAL B 374 5.56 -4.03 8.70
N GLY B 375 6.57 -4.21 7.85
CA GLY B 375 7.34 -5.45 7.88
C GLY B 375 8.36 -5.52 9.03
N ILE B 376 8.92 -6.70 9.23
CA ILE B 376 9.94 -6.95 10.28
C ILE B 376 11.15 -5.95 10.22
N SER B 377 11.61 -5.58 9.02
CA SER B 377 12.72 -4.66 8.92
C SER B 377 12.36 -3.24 9.36
N SER B 378 11.14 -2.81 9.15
CA SER B 378 10.70 -1.56 9.69
C SER B 378 10.66 -1.62 11.21
N GLY B 379 10.21 -2.74 11.76
CA GLY B 379 10.30 -2.97 13.16
C GLY B 379 11.70 -2.86 13.72
N ALA B 380 12.67 -3.46 13.04
CA ALA B 380 14.05 -3.33 13.47
C ALA B 380 14.52 -1.86 13.38
N ALA B 381 14.26 -1.19 12.26
CA ALA B 381 14.70 0.19 12.18
C ALA B 381 14.07 1.03 13.29
N ALA B 382 12.77 0.84 13.53
CA ALA B 382 12.05 1.62 14.54
C ALA B 382 12.54 1.31 15.98
N ALA B 383 12.79 0.03 16.28
CA ALA B 383 13.41 -0.34 17.56
C ALA B 383 14.71 0.45 17.83
N ALA B 384 15.55 0.61 16.81
CA ALA B 384 16.81 1.29 16.94
C ALA B 384 16.56 2.78 17.09
N ALA B 385 15.66 3.31 16.27
CA ALA B 385 15.41 4.74 16.41
C ALA B 385 14.87 5.10 17.79
N ILE B 386 14.04 4.22 18.36
CA ILE B 386 13.44 4.51 19.61
C ILE B 386 14.58 4.45 20.63
N LYS B 387 15.56 3.60 20.43
CA LYS B 387 16.66 3.53 21.39
C LYS B 387 17.47 4.79 21.38
N VAL B 388 17.78 5.25 20.16
CA VAL B 388 18.55 6.42 19.90
C VAL B 388 17.82 7.65 20.45
N ALA B 389 16.49 7.61 20.42
CA ALA B 389 15.71 8.76 20.85
C ALA B 389 15.55 8.85 22.36
N LYS B 390 16.05 7.86 23.07
CA LYS B 390 16.09 7.93 24.53
C LYS B 390 17.44 8.47 25.05
N ARG B 391 18.42 8.69 24.17
CA ARG B 391 19.73 9.15 24.71
C ARG B 391 19.60 10.61 25.08
N PRO B 392 19.95 10.95 26.31
CA PRO B 392 19.88 12.34 26.78
C PRO B 392 20.53 13.35 25.83
N GLU B 393 21.68 13.04 25.23
CA GLU B 393 22.32 14.03 24.35
CA GLU B 393 22.36 13.95 24.31
C GLU B 393 21.38 14.39 23.21
N ASN B 394 20.34 13.59 23.01
CA ASN B 394 19.44 13.86 21.91
C ASN B 394 18.13 14.54 22.31
N ALA B 395 17.99 15.04 23.54
CA ALA B 395 16.71 15.72 23.87
C ALA B 395 16.37 16.78 22.80
N GLY B 396 15.12 16.84 22.35
CA GLY B 396 14.76 17.86 21.41
C GLY B 396 15.13 17.59 19.96
N LYS B 397 15.99 16.62 19.69
CA LYS B 397 16.39 16.42 18.29
C LYS B 397 15.38 15.68 17.45
N LEU B 398 15.62 15.60 16.14
CA LEU B 398 14.72 14.94 15.21
C LEU B 398 15.41 13.78 14.50
N ILE B 399 14.82 12.60 14.64
CA ILE B 399 15.31 11.42 13.98
C ILE B 399 14.36 11.07 12.86
N ALA B 400 14.92 10.82 11.68
CA ALA B 400 14.22 10.30 10.53
C ALA B 400 14.60 8.83 10.39
N VAL B 401 13.61 7.96 10.29
CA VAL B 401 13.87 6.53 10.15
C VAL B 401 13.09 5.98 8.94
N VAL B 402 13.77 5.23 8.09
CA VAL B 402 13.12 4.51 7.00
C VAL B 402 12.42 3.18 7.43
N PHE B 403 11.11 3.09 7.09
CA PHE B 403 10.30 1.86 7.14
C PHE B 403 10.20 1.38 5.71
N PRO B 404 10.99 0.37 5.36
CA PRO B 404 11.08 0.01 3.96
C PRO B 404 9.86 -0.68 3.32
N SER B 405 9.00 -1.33 4.09
CA SER B 405 7.93 -2.05 3.37
C SER B 405 6.67 -2.30 4.24
N PHE B 406 5.53 -2.30 3.57
CA PHE B 406 4.24 -2.66 4.14
C PHE B 406 4.25 -4.10 4.70
N GLY B 407 3.42 -4.31 5.73
CA GLY B 407 3.43 -5.55 6.47
C GLY B 407 2.46 -6.61 5.94
N GLU B 408 1.41 -6.16 5.24
CA GLU B 408 0.47 -7.10 4.62
C GLU B 408 1.18 -8.12 3.66
N ARG B 409 2.34 -7.74 3.13
CA ARG B 409 3.14 -8.63 2.26
C ARG B 409 3.71 -9.87 2.99
N TYR B 410 3.75 -9.80 4.32
CA TYR B 410 4.41 -10.79 5.13
C TYR B 410 3.43 -11.63 6.00
N LEU B 411 2.19 -11.80 5.53
CA LEU B 411 1.17 -12.43 6.33
C LEU B 411 1.57 -13.87 6.66
N SER B 412 2.26 -14.53 5.74
CA SER B 412 2.67 -15.93 5.96
C SER B 412 4.03 -16.14 6.69
N THR B 413 4.69 -15.06 7.09
CA THR B 413 5.96 -15.14 7.78
C THR B 413 5.79 -15.07 9.31
N PRO B 414 6.89 -15.14 10.06
CA PRO B 414 6.87 -15.19 11.52
C PRO B 414 6.36 -13.92 12.19
N LEU B 415 6.30 -12.83 11.42
CA LEU B 415 5.84 -11.58 11.94
C LEU B 415 4.43 -11.78 12.47
N PHE B 416 3.66 -12.58 11.75
CA PHE B 416 2.27 -12.74 12.08
C PHE B 416 1.94 -14.08 12.71
N GLN B 417 2.95 -14.75 13.25
CA GLN B 417 2.76 -16.14 13.67
C GLN B 417 1.94 -16.28 14.95
N SER B 418 2.37 -15.55 15.97
CA SER B 418 1.66 -15.48 17.24
C SER B 418 0.17 -15.15 17.04
N ILE B 419 -0.10 -14.18 16.15
CA ILE B 419 -1.45 -13.81 15.74
C ILE B 419 -2.15 -14.93 14.98
N ARG B 420 -1.39 -15.70 14.20
CA ARG B 420 -1.94 -16.76 13.35
C ARG B 420 -2.46 -17.91 14.23
N GLU B 421 -1.70 -18.21 15.27
CA GLU B 421 -2.04 -19.27 16.24
C GLU B 421 -3.37 -19.05 17.00
N GLU B 422 -3.66 -17.79 17.34
CA GLU B 422 -4.91 -17.47 18.04
C GLU B 422 -6.08 -17.42 17.07
N VAL B 423 -5.79 -17.17 15.81
CA VAL B 423 -6.83 -17.08 14.80
C VAL B 423 -7.28 -18.47 14.36
N GLU B 424 -6.37 -19.42 14.44
CA GLU B 424 -6.63 -20.77 13.96
C GLU B 424 -7.57 -21.53 14.90
N LYS B 425 -7.71 -21.01 16.11
CA LYS B 425 -8.48 -21.66 17.17
C LYS B 425 -9.74 -20.87 17.52
N MET B 426 -9.93 -19.72 16.87
CA MET B 426 -11.09 -18.83 17.04
C MET B 426 -12.44 -19.53 16.74
N GLN B 427 -13.26 -19.76 17.76
CA GLN B 427 -14.54 -20.47 17.55
C GLN B 427 -15.61 -19.62 16.88
N PRO B 428 -16.45 -20.24 16.00
CA PRO B 428 -17.54 -19.56 15.29
C PRO B 428 -18.72 -19.13 16.17
#